data_5ZQF
#
_entry.id   5ZQF
#
_cell.length_a   94.990
_cell.length_b   94.990
_cell.length_c   231.486
_cell.angle_alpha   90.00
_cell.angle_beta   90.00
_cell.angle_gamma   120.00
#
_symmetry.space_group_name_H-M   'P 32 2 1'
#
loop_
_entity.id
_entity.type
_entity.pdbx_description
1 polymer 'DNA topoisomerase 2-beta'
2 polymer "DNA (5'-D(P*AP*GP*CP*CP*GP*AP*GP*C)-3')"
3 polymer "DNA/RNA (5'-D(P*AP*GP*C)-R(P*(IU))-D(P*CP*GP*GP*C)-R(P*(IU))-3')"
4 non-polymer 'MANGANESE (II) ION'
#
loop_
_entity_poly.entity_id
_entity_poly.type
_entity_poly.pdbx_seq_one_letter_code
_entity_poly.pdbx_strand_id
1 'polypeptide(L)'
;MASWSHPQFEKGADDDDKVPDPTSVDSVKYSKIKGIPKLDDANDAGGKHSLECTLILTEGDSAKSLAVSGLGVIGRDRYG
VFPLRGKILNVREASHKQIMENAEINNIIKIVGLQYKKSYDDAESLKTLRYGKIMIMTDQDQDGSHIKGLLINFIHHNWP
SLLKHGFLEEFITPIVKASKNKQELSFYSIPEFDEWKKHIENQKAWKIKYYKGLGTSTAKEAKEYFADMERHRILFRYAG
PEDDAAITLAFSKKKIDDRKEWLTNFMEDRRQRRLHGLPEQFLYGTATKHLTYNDFINKELILFSNSDNERSIPSLVDGF
KPGQRKVLFTCFKRNDKREVKVAQLAGSVAEMSAYHHGEQALMMTIVNLAQNFVGSNNINLLQPIGQFGTRLHGGKDAAS
PRYIFTMLSTLARLLFPAVDDNLLKFLYDDNQRVEPEWYIPIIPMVLINGAEGIGTGWACKLPNYDAREIVNNVRRMLDG
LDPHPMLPNYKNFKGTIQELGQNQYAVSGEIFVVDRNTVEITELPVRTWTQVYKEQVLEPMLNGTDKTPALISDYKEYHT
DTTVKFVVKMTEEKLAQAEAAGLHKVFKLQTTLTCNSMVLFDHMGCLKKYETVQDILKEFFDLRLSYYGLRKEWLVGMLG
AESTKLNNQARFILEKIQGKITIENRSKKDLIQMLVQRGYESDPVKAWKEAQEKAAEEDETQNQHDDSSSDSGTPSGPDF
NYILNMSLWSLTKEKVEELIKQRDAKGREVNDLKRKSPSDLWKEDLAAFVEELDKVESQEREDGAPGFSSISAHHHHHHH
HHH
;
A
2 'polydeoxyribonucleotide' (DA)(DG)(DC)(DC)(DG)(DA)(DG)(DC) B
3 'polydeoxyribonucleotide/polyribonucleotide hybrid' (DA)(DG)(DC)(IU)(DC)(DG)(DG)(DC)(IU) C
#
loop_
_chem_comp.id
_chem_comp.type
_chem_comp.name
_chem_comp.formula
DA DNA linking 2'-DEOXYADENOSINE-5'-MONOPHOSPHATE 'C10 H14 N5 O6 P'
DC DNA linking 2'-DEOXYCYTIDINE-5'-MONOPHOSPHATE 'C9 H14 N3 O7 P'
DG DNA linking 2'-DEOXYGUANOSINE-5'-MONOPHOSPHATE 'C10 H14 N5 O7 P'
IU RNA linking 5-IODOURIDINE-5'-MONOPHOSPHATE 'C9 H12 I N2 O9 P'
MN non-polymer 'MANGANESE (II) ION' 'Mn 2'
#
# COMPACT_ATOMS: atom_id res chain seq x y z
N LYS A 34 8.95 17.67 36.71
CA LYS A 34 8.87 18.62 35.60
C LYS A 34 7.46 18.67 35.02
N GLY A 35 6.70 17.60 35.25
CA GLY A 35 5.31 17.53 34.84
C GLY A 35 5.01 16.63 33.66
N ILE A 36 6.02 16.15 32.95
CA ILE A 36 5.83 15.24 31.82
C ILE A 36 6.04 13.81 32.32
N PRO A 37 4.99 12.98 32.39
CA PRO A 37 5.18 11.64 32.96
C PRO A 37 6.03 10.72 32.11
N LYS A 38 5.93 10.81 30.78
CA LYS A 38 6.67 9.93 29.90
C LYS A 38 8.16 10.18 29.91
N LEU A 39 8.62 11.25 30.55
CA LEU A 39 10.02 11.63 30.54
C LEU A 39 10.78 11.05 31.72
N ASP A 40 11.99 10.55 31.46
CA ASP A 40 12.97 10.26 32.50
C ASP A 40 14.08 11.30 32.38
N ASP A 41 14.14 12.19 33.35
CA ASP A 41 15.05 13.32 33.29
C ASP A 41 16.44 12.92 33.77
N ALA A 42 17.46 13.55 33.17
CA ALA A 42 18.83 13.38 33.63
C ALA A 42 18.99 14.00 35.01
N ASN A 43 19.79 13.34 35.85
CA ASN A 43 19.97 13.82 37.22
C ASN A 43 20.65 15.19 37.24
N ASP A 44 21.63 15.40 36.37
CA ASP A 44 22.33 16.68 36.30
C ASP A 44 21.64 17.70 35.43
N ALA A 45 20.50 17.36 34.84
CA ALA A 45 19.76 18.30 34.02
C ALA A 45 19.22 19.43 34.89
N GLY A 46 19.44 20.67 34.45
CA GLY A 46 19.02 21.83 35.20
C GLY A 46 20.07 22.38 36.15
N GLY A 47 21.13 21.64 36.42
CA GLY A 47 22.18 22.07 37.31
C GLY A 47 23.29 22.81 36.60
N LYS A 48 24.43 22.94 37.28
CA LYS A 48 25.57 23.64 36.72
C LYS A 48 26.24 22.85 35.60
N HIS A 49 25.97 21.56 35.50
CA HIS A 49 26.53 20.69 34.47
C HIS A 49 25.63 20.55 33.25
N SER A 50 24.52 21.30 33.20
CA SER A 50 23.49 21.10 32.19
C SER A 50 24.06 21.00 30.77
N LEU A 51 25.03 21.86 30.44
CA LEU A 51 25.55 21.88 29.08
C LEU A 51 26.21 20.56 28.69
N GLU A 52 26.68 19.77 29.66
CA GLU A 52 27.26 18.48 29.35
C GLU A 52 26.21 17.38 29.24
N CYS A 53 24.97 17.64 29.62
CA CYS A 53 23.92 16.64 29.54
C CYS A 53 23.39 16.51 28.13
N THR A 54 22.85 15.34 27.82
CA THR A 54 22.32 15.02 26.51
C THR A 54 20.91 14.48 26.64
N LEU A 55 19.97 15.05 25.90
CA LEU A 55 18.60 14.55 25.84
C LEU A 55 18.48 13.56 24.70
N ILE A 56 18.02 12.35 25.00
CA ILE A 56 17.87 11.30 24.02
C ILE A 56 16.41 11.25 23.59
N LEU A 57 16.15 11.61 22.34
CA LEU A 57 14.82 11.51 21.76
C LEU A 57 14.69 10.18 21.04
N THR A 58 13.69 9.40 21.41
CA THR A 58 13.54 8.03 20.92
C THR A 58 12.27 7.89 20.09
N GLU A 59 12.26 6.88 19.23
CA GLU A 59 11.10 6.55 18.40
C GLU A 59 10.39 5.37 19.06
N GLY A 60 9.22 5.64 19.62
CA GLY A 60 8.50 4.62 20.37
C GLY A 60 8.93 4.53 21.82
N ASP A 61 8.02 4.05 22.66
CA ASP A 61 8.34 3.82 24.06
C ASP A 61 9.16 2.56 24.28
N SER A 62 9.15 1.64 23.32
CA SER A 62 10.00 0.46 23.42
C SER A 62 11.47 0.83 23.28
N ALA A 63 11.79 1.75 22.37
CA ALA A 63 13.15 2.27 22.29
C ALA A 63 13.51 3.07 23.54
N LYS A 64 12.51 3.73 24.15
CA LYS A 64 12.74 4.41 25.42
C LYS A 64 13.21 3.42 26.48
N SER A 65 12.49 2.30 26.63
CA SER A 65 12.92 1.28 27.58
C SER A 65 14.23 0.63 27.17
N LEU A 66 14.49 0.55 25.85
CA LEU A 66 15.77 0.05 25.37
C LEU A 66 16.91 0.96 25.79
N ALA A 67 16.70 2.28 25.69
CA ALA A 67 17.75 3.23 26.02
C ALA A 67 17.92 3.39 27.54
N VAL A 68 16.83 3.30 28.30
CA VAL A 68 16.92 3.46 29.75
C VAL A 68 17.78 2.34 30.35
N SER A 69 17.48 1.09 29.98
CA SER A 69 18.29 -0.03 30.49
C SER A 69 19.70 0.01 29.92
N GLY A 70 19.88 0.57 28.73
CA GLY A 70 21.21 0.67 28.15
C GLY A 70 22.12 1.61 28.91
N LEU A 71 21.55 2.69 29.43
CA LEU A 71 22.33 3.61 30.27
C LEU A 71 22.57 3.03 31.65
N GLY A 72 21.53 2.48 32.27
CA GLY A 72 21.68 1.89 33.58
C GLY A 72 21.74 2.94 34.69
N VAL A 73 22.44 2.58 35.77
CA VAL A 73 22.53 3.46 36.93
C VAL A 73 23.46 4.63 36.65
N ILE A 74 24.64 4.35 36.08
CA ILE A 74 25.63 5.40 35.86
C ILE A 74 25.16 6.35 34.76
N GLY A 75 24.58 5.82 33.69
CA GLY A 75 24.13 6.66 32.59
C GLY A 75 22.96 7.55 32.93
N ARG A 76 22.23 7.25 34.01
CA ARG A 76 21.08 8.05 34.40
C ARG A 76 21.45 9.44 34.86
N ASP A 77 22.74 9.73 35.05
CA ASP A 77 23.15 11.04 35.56
C ASP A 77 23.06 12.12 34.49
N ARG A 78 23.88 12.01 33.44
CA ARG A 78 24.01 13.04 32.43
C ARG A 78 23.14 12.83 31.20
N TYR A 79 22.34 11.76 31.16
CA TYR A 79 21.55 11.43 29.99
C TYR A 79 20.07 11.39 30.35
N GLY A 80 19.30 12.27 29.74
CA GLY A 80 17.85 12.17 29.77
C GLY A 80 17.34 11.43 28.54
N VAL A 81 16.17 10.82 28.68
CA VAL A 81 15.52 10.09 27.61
C VAL A 81 14.05 10.49 27.56
N PHE A 82 13.56 10.85 26.38
CA PHE A 82 12.16 11.18 26.22
C PHE A 82 11.64 10.55 24.94
N PRO A 83 10.44 9.97 24.98
CA PRO A 83 9.87 9.35 23.78
C PRO A 83 9.21 10.35 22.85
N LEU A 84 9.11 9.95 21.58
CA LEU A 84 8.29 10.63 20.59
C LEU A 84 7.21 9.66 20.10
N ARG A 85 5.99 10.18 19.94
CA ARG A 85 4.89 9.31 19.55
C ARG A 85 5.04 8.79 18.12
N GLY A 86 5.79 9.50 17.28
CA GLY A 86 5.87 9.18 15.87
C GLY A 86 6.42 10.36 15.10
N LYS A 87 6.06 10.41 13.81
CA LYS A 87 6.40 11.57 12.99
C LYS A 87 5.93 12.83 13.68
N ILE A 88 6.83 13.80 13.82
CA ILE A 88 6.54 15.00 14.58
C ILE A 88 6.03 16.08 13.64
N LEU A 89 5.69 17.23 14.19
CA LEU A 89 5.21 18.35 13.39
C LEU A 89 6.34 18.89 12.52
N ASN A 90 6.02 19.26 11.29
CA ASN A 90 6.95 19.97 10.43
C ASN A 90 6.67 21.45 10.64
N VAL A 91 7.61 22.14 11.29
CA VAL A 91 7.35 23.49 11.78
C VAL A 91 7.83 24.57 10.83
N ARG A 92 8.45 24.21 9.71
CA ARG A 92 8.89 25.22 8.75
C ARG A 92 7.69 25.97 8.19
N GLU A 93 6.75 25.25 7.59
CA GLU A 93 5.46 25.82 7.20
C GLU A 93 4.38 25.15 8.04
N ALA A 94 3.85 25.90 9.00
CA ALA A 94 2.71 25.47 9.80
C ALA A 94 2.07 26.71 10.39
N SER A 95 0.81 26.57 10.80
CA SER A 95 0.13 27.72 11.40
C SER A 95 0.63 27.94 12.82
N HIS A 96 0.65 29.22 13.22
CA HIS A 96 1.08 29.57 14.57
C HIS A 96 0.28 28.83 15.62
N LYS A 97 -1.03 28.72 15.43
CA LYS A 97 -1.87 27.99 16.38
C LYS A 97 -1.49 26.52 16.43
N GLN A 98 -1.21 25.91 15.27
CA GLN A 98 -0.82 24.51 15.24
C GLN A 98 0.47 24.27 16.01
N ILE A 99 1.44 25.19 15.86
CA ILE A 99 2.71 25.05 16.56
C ILE A 99 2.52 25.21 18.06
N MET A 100 1.78 26.25 18.47
CA MET A 100 1.57 26.48 19.89
C MET A 100 0.69 25.41 20.53
N GLU A 101 -0.11 24.70 19.74
CA GLU A 101 -1.00 23.67 20.26
C GLU A 101 -0.40 22.27 20.20
N ASN A 102 0.84 22.13 19.75
CA ASN A 102 1.47 20.82 19.62
C ASN A 102 2.09 20.41 20.95
N ALA A 103 1.63 19.27 21.49
CA ALA A 103 2.09 18.85 22.81
C ALA A 103 3.54 18.41 22.79
N GLU A 104 3.96 17.70 21.75
CA GLU A 104 5.33 17.19 21.68
C GLU A 104 6.34 18.35 21.57
N ILE A 105 6.07 19.31 20.69
CA ILE A 105 7.01 20.40 20.46
C ILE A 105 7.22 21.19 21.75
N ASN A 106 6.14 21.47 22.47
CA ASN A 106 6.27 22.21 23.73
C ASN A 106 6.86 21.35 24.84
N ASN A 107 6.75 20.02 24.75
CA ASN A 107 7.41 19.17 25.74
C ASN A 107 8.92 19.21 25.56
N ILE A 108 9.40 19.10 24.32
CA ILE A 108 10.84 19.18 24.06
C ILE A 108 11.37 20.55 24.46
N ILE A 109 10.58 21.60 24.24
CA ILE A 109 11.02 22.94 24.60
C ILE A 109 11.15 23.07 26.11
N LYS A 110 10.17 22.55 26.87
CA LYS A 110 10.25 22.62 28.32
C LYS A 110 11.38 21.75 28.85
N ILE A 111 11.58 20.57 28.26
CA ILE A 111 12.62 19.66 28.73
C ILE A 111 14.00 20.27 28.51
N VAL A 112 14.30 20.68 27.28
CA VAL A 112 15.61 21.24 26.97
C VAL A 112 15.75 22.63 27.57
N GLY A 113 14.64 23.35 27.76
CA GLY A 113 14.71 24.72 28.22
C GLY A 113 14.86 25.73 27.12
N LEU A 114 14.39 25.42 25.91
CA LEU A 114 14.49 26.34 24.79
C LEU A 114 13.49 27.48 24.94
N GLN A 115 13.77 28.58 24.24
CA GLN A 115 12.85 29.69 24.11
C GLN A 115 12.79 30.11 22.65
N TYR A 116 11.58 30.35 22.16
CA TYR A 116 11.41 30.71 20.76
C TYR A 116 12.09 32.05 20.47
N LYS A 117 12.65 32.17 19.27
CA LYS A 117 13.37 33.33 18.76
C LYS A 117 14.70 33.57 19.49
N LYS A 118 15.02 32.79 20.52
CA LYS A 118 16.25 32.97 21.27
C LYS A 118 17.43 32.42 20.48
N SER A 119 18.43 33.27 20.24
CA SER A 119 19.67 32.82 19.64
C SER A 119 20.67 32.50 20.74
N TYR A 120 21.40 31.40 20.59
CA TYR A 120 22.33 30.94 21.62
C TYR A 120 23.75 31.12 21.12
N ASP A 121 24.44 32.13 21.65
CA ASP A 121 25.86 32.35 21.42
C ASP A 121 26.57 32.62 22.74
N ASP A 122 26.22 33.75 23.36
CA ASP A 122 26.87 34.20 24.59
C ASP A 122 26.67 33.20 25.72
N ALA A 123 27.65 33.17 26.63
CA ALA A 123 27.56 32.29 27.79
C ALA A 123 26.35 32.63 28.66
N GLU A 124 25.91 33.88 28.65
CA GLU A 124 24.74 34.25 29.44
C GLU A 124 23.47 33.60 28.89
N SER A 125 23.40 33.39 27.58
CA SER A 125 22.22 32.77 26.98
C SER A 125 22.21 31.26 27.21
N LEU A 126 23.38 30.63 27.18
CA LEU A 126 23.44 29.17 27.35
C LEU A 126 23.11 28.74 28.77
N LYS A 127 23.18 29.64 29.74
CA LYS A 127 22.84 29.29 31.11
C LYS A 127 21.38 28.90 31.27
N THR A 128 20.53 29.23 30.31
CA THR A 128 19.10 28.95 30.37
C THR A 128 18.73 27.60 29.77
N LEU A 129 19.71 26.81 29.33
CA LEU A 129 19.46 25.51 28.72
C LEU A 129 19.64 24.41 29.76
N ARG A 130 18.65 23.52 29.83
CA ARG A 130 18.74 22.37 30.74
C ARG A 130 19.62 21.26 30.16
N TYR A 131 19.71 21.18 28.84
CA TYR A 131 20.56 20.20 28.16
C TYR A 131 21.45 20.92 27.16
N GLY A 132 22.58 20.30 26.86
CA GLY A 132 23.50 20.86 25.88
C GLY A 132 23.43 20.21 24.52
N LYS A 133 22.78 19.05 24.44
CA LYS A 133 22.75 18.28 23.21
C LYS A 133 21.47 17.47 23.14
N ILE A 134 21.03 17.17 21.91
CA ILE A 134 19.93 16.26 21.64
C ILE A 134 20.46 15.13 20.77
N MET A 135 20.37 13.90 21.28
CA MET A 135 20.77 12.71 20.54
C MET A 135 19.51 11.96 20.16
N ILE A 136 19.22 11.92 18.86
CA ILE A 136 18.01 11.28 18.35
C ILE A 136 18.28 9.80 18.14
N MET A 137 17.42 8.96 18.71
CA MET A 137 17.56 7.51 18.61
C MET A 137 16.31 6.96 17.93
N THR A 138 16.47 6.47 16.71
CA THR A 138 15.36 5.99 15.91
C THR A 138 15.74 4.64 15.30
N ASP A 139 14.74 3.97 14.73
CA ASP A 139 15.00 2.75 13.98
C ASP A 139 15.88 3.06 12.77
N GLN A 140 16.57 2.04 12.29
CA GLN A 140 17.45 2.19 11.14
C GLN A 140 16.71 2.03 9.82
N ASP A 141 15.40 1.84 9.84
CA ASP A 141 14.62 1.84 8.62
C ASP A 141 14.45 3.27 8.11
N GLN A 142 13.70 3.41 7.01
CA GLN A 142 13.55 4.71 6.38
C GLN A 142 12.74 5.67 7.24
N ASP A 143 11.72 5.15 7.93
CA ASP A 143 10.86 6.01 8.73
C ASP A 143 11.63 6.65 9.88
N GLY A 144 12.64 5.97 10.41
CA GLY A 144 13.47 6.60 11.41
C GLY A 144 14.22 7.80 10.87
N SER A 145 14.74 7.69 9.64
CA SER A 145 15.43 8.80 9.02
C SER A 145 14.52 10.01 8.84
N HIS A 146 13.23 9.77 8.60
CA HIS A 146 12.29 10.88 8.49
C HIS A 146 12.16 11.62 9.81
N ILE A 147 12.00 10.88 10.91
CA ILE A 147 11.93 11.51 12.22
C ILE A 147 13.22 12.24 12.52
N LYS A 148 14.36 11.64 12.16
CA LYS A 148 15.64 12.34 12.24
C LYS A 148 15.58 13.67 11.49
N GLY A 149 15.09 13.64 10.25
CA GLY A 149 15.05 14.84 9.45
C GLY A 149 14.07 15.87 9.99
N LEU A 150 12.90 15.43 10.44
CA LEU A 150 11.93 16.36 10.98
C LEU A 150 12.44 17.04 12.26
N LEU A 151 13.27 16.33 13.03
CA LEU A 151 13.90 16.96 14.19
C LEU A 151 15.00 17.92 13.77
N ILE A 152 15.77 17.55 12.73
CA ILE A 152 16.72 18.49 12.14
C ILE A 152 15.98 19.69 11.58
N ASN A 153 14.86 19.45 10.89
CA ASN A 153 14.05 20.54 10.36
C ASN A 153 13.48 21.40 11.48
N PHE A 154 13.24 20.80 12.65
CA PHE A 154 12.69 21.55 13.79
C PHE A 154 13.73 22.50 14.37
N ILE A 155 14.95 22.03 14.56
CA ILE A 155 15.99 22.87 15.15
C ILE A 155 16.51 23.90 14.15
N HIS A 156 16.67 23.49 12.89
CA HIS A 156 17.19 24.40 11.87
C HIS A 156 16.29 25.63 11.71
N HIS A 157 14.98 25.44 11.82
CA HIS A 157 14.05 26.55 11.61
C HIS A 157 14.08 27.53 12.79
N ASN A 158 13.88 27.01 14.01
CA ASN A 158 13.68 27.89 15.15
C ASN A 158 15.00 28.45 15.70
N TRP A 159 16.03 27.61 15.82
CA TRP A 159 17.31 28.03 16.41
C TRP A 159 18.46 27.55 15.53
N PRO A 160 18.76 28.28 14.46
CA PRO A 160 19.98 27.98 13.68
C PRO A 160 21.25 28.22 14.48
N SER A 161 21.18 28.98 15.58
CA SER A 161 22.35 29.18 16.42
C SER A 161 22.82 27.86 17.04
N LEU A 162 21.89 26.94 17.32
CA LEU A 162 22.26 25.65 17.86
C LEU A 162 22.78 24.71 16.76
N LEU A 163 22.13 24.73 15.59
CA LEU A 163 22.40 23.70 14.58
C LEU A 163 23.81 23.83 14.00
N LYS A 164 24.32 25.06 13.87
CA LYS A 164 25.64 25.25 13.28
C LYS A 164 26.74 24.67 14.15
N HIS A 165 26.54 24.67 15.47
CA HIS A 165 27.60 24.33 16.43
C HIS A 165 27.58 22.87 16.88
N GLY A 166 26.72 22.04 16.30
CA GLY A 166 26.70 20.63 16.65
C GLY A 166 25.81 20.26 17.82
N PHE A 167 24.73 21.01 18.04
CA PHE A 167 23.77 20.70 19.09
C PHE A 167 23.10 19.33 18.89
N LEU A 168 23.10 18.80 17.67
CA LEU A 168 22.34 17.60 17.33
C LEU A 168 23.28 16.41 17.09
N GLU A 169 22.93 15.26 17.68
CA GLU A 169 23.60 13.99 17.46
C GLU A 169 22.57 12.91 17.21
N GLU A 170 23.04 11.75 16.76
CA GLU A 170 22.18 10.59 16.57
C GLU A 170 22.86 9.34 17.11
N PHE A 171 22.06 8.38 17.55
CA PHE A 171 22.55 7.09 18.03
C PHE A 171 22.06 6.01 17.07
N ILE A 172 22.97 5.44 16.29
CA ILE A 172 22.65 4.41 15.31
C ILE A 172 22.66 3.04 15.97
N THR A 173 21.80 2.15 15.45
CA THR A 173 21.70 0.77 15.88
C THR A 173 21.95 -0.15 14.69
N PRO A 174 22.27 -1.43 14.92
CA PRO A 174 22.41 -2.36 13.79
C PRO A 174 21.06 -2.77 13.23
N ILE A 175 20.97 -2.83 11.89
CA ILE A 175 19.83 -3.45 11.24
C ILE A 175 19.97 -4.96 11.09
N VAL A 176 21.20 -5.50 11.12
CA VAL A 176 21.43 -6.92 10.89
C VAL A 176 22.78 -7.26 11.51
N LYS A 177 22.99 -8.55 11.79
CA LYS A 177 24.24 -9.02 12.35
C LYS A 177 24.55 -10.40 11.79
N ALA A 178 25.83 -10.76 11.81
CA ALA A 178 26.27 -12.04 11.30
C ALA A 178 27.50 -12.55 12.05
N LEU A 185 30.93 -8.23 13.23
CA LEU A 185 29.75 -9.07 13.26
C LEU A 185 28.47 -8.22 13.33
N SER A 186 28.61 -6.93 13.04
CA SER A 186 27.50 -5.99 13.08
C SER A 186 27.46 -5.19 11.79
N PHE A 187 26.27 -5.07 11.22
CA PHE A 187 26.07 -4.29 10.00
C PHE A 187 24.89 -3.33 10.20
N TYR A 188 25.00 -2.16 9.57
CA TYR A 188 24.11 -1.04 9.84
C TYR A 188 23.05 -0.86 8.76
N SER A 189 23.46 -0.59 7.52
CA SER A 189 22.51 -0.47 6.41
C SER A 189 22.48 -1.77 5.62
N ILE A 190 21.29 -2.12 5.12
CA ILE A 190 21.14 -3.36 4.34
C ILE A 190 22.05 -3.41 3.11
N PRO A 191 22.31 -2.31 2.39
CA PRO A 191 23.30 -2.41 1.30
C PRO A 191 24.71 -2.72 1.79
N GLU A 192 25.05 -2.30 3.02
CA GLU A 192 26.36 -2.61 3.57
C GLU A 192 26.51 -4.11 3.85
N PHE A 193 25.43 -4.77 4.25
CA PHE A 193 25.47 -6.20 4.54
C PHE A 193 25.51 -7.04 3.27
N ASP A 194 24.80 -6.60 2.23
CA ASP A 194 24.76 -7.36 0.99
C ASP A 194 26.10 -7.30 0.24
N GLU A 195 26.78 -6.15 0.31
CA GLU A 195 28.08 -6.04 -0.34
C GLU A 195 29.14 -6.88 0.37
N TRP A 196 29.06 -6.95 1.70
CA TRP A 196 29.97 -7.79 2.46
C TRP A 196 29.80 -9.26 2.09
N LYS A 197 28.56 -9.71 1.93
CA LYS A 197 28.27 -11.09 1.58
C LYS A 197 28.76 -11.43 0.18
N LYS A 207 25.46 -17.40 11.94
CA LYS A 207 24.10 -17.01 12.31
C LYS A 207 23.82 -15.56 11.95
N ILE A 208 22.75 -15.34 11.19
CA ILE A 208 22.34 -14.01 10.75
C ILE A 208 21.02 -13.67 11.42
N LYS A 209 20.93 -12.45 11.95
CA LYS A 209 19.73 -11.99 12.63
C LYS A 209 19.34 -10.61 12.08
N TYR A 210 18.09 -10.47 11.67
CA TYR A 210 17.56 -9.22 11.16
C TYR A 210 16.86 -8.47 12.29
N TYR A 211 17.22 -7.20 12.47
CA TYR A 211 16.66 -6.37 13.52
C TYR A 211 15.57 -5.49 12.94
N LYS A 212 14.33 -5.70 13.39
CA LYS A 212 13.19 -4.91 12.96
C LYS A 212 12.83 -3.95 14.09
N GLY A 213 13.07 -2.66 13.88
CA GLY A 213 12.84 -1.66 14.90
C GLY A 213 13.83 -1.73 16.05
N LEU A 214 13.75 -0.76 16.96
CA LEU A 214 14.61 -0.77 18.14
C LEU A 214 14.10 -1.70 19.23
N GLY A 215 12.83 -2.11 19.16
CA GLY A 215 12.28 -3.01 20.16
C GLY A 215 12.73 -4.45 20.01
N THR A 216 13.31 -4.80 18.86
CA THR A 216 13.82 -6.16 18.67
C THR A 216 15.01 -6.43 19.58
N SER A 217 15.98 -5.52 19.61
CA SER A 217 17.09 -5.64 20.54
C SER A 217 16.59 -5.47 21.97
N THR A 218 17.17 -6.23 22.89
CA THR A 218 16.74 -6.16 24.28
C THR A 218 17.86 -6.67 25.19
N ALA A 219 17.75 -6.30 26.46
CA ALA A 219 18.59 -6.82 27.55
C ALA A 219 20.05 -6.50 27.26
N LYS A 220 20.95 -7.48 27.22
CA LYS A 220 22.38 -7.21 27.07
C LYS A 220 22.70 -6.52 25.75
N GLU A 221 21.82 -6.64 24.75
CA GLU A 221 22.06 -5.94 23.49
C GLU A 221 22.05 -4.44 23.70
N ALA A 222 21.13 -3.92 24.50
CA ALA A 222 21.09 -2.49 24.78
C ALA A 222 22.32 -2.06 25.56
N LYS A 223 22.75 -2.87 26.53
CA LYS A 223 23.94 -2.53 27.31
C LYS A 223 25.21 -2.60 26.49
N GLU A 224 25.25 -3.49 25.49
CA GLU A 224 26.42 -3.57 24.62
C GLU A 224 26.53 -2.32 23.73
N TYR A 225 25.39 -1.78 23.31
CA TYR A 225 25.42 -0.59 22.46
C TYR A 225 25.98 0.62 23.19
N PHE A 226 25.65 0.77 24.47
CA PHE A 226 26.07 1.93 25.23
C PHE A 226 27.43 1.73 25.91
N ALA A 227 28.00 0.53 25.83
CA ALA A 227 29.36 0.33 26.35
C ALA A 227 30.38 0.98 25.41
N ASP A 228 30.24 0.76 24.11
CA ASP A 228 31.03 1.46 23.10
C ASP A 228 30.11 2.45 22.40
N MET A 229 30.29 3.75 22.71
CA MET A 229 29.56 4.81 22.03
C MET A 229 30.36 5.46 20.91
N GLU A 230 31.60 5.05 20.71
CA GLU A 230 32.38 5.62 19.61
C GLU A 230 31.83 5.17 18.27
N ARG A 231 31.35 3.93 18.19
CA ARG A 231 30.76 3.43 16.95
C ARG A 231 29.33 3.90 16.76
N HIS A 232 28.56 3.96 17.85
CA HIS A 232 27.12 4.18 17.74
C HIS A 232 26.70 5.65 17.84
N ARG A 233 27.62 6.57 18.09
CA ARG A 233 27.31 7.99 18.15
C ARG A 233 27.92 8.68 16.93
N ILE A 234 27.09 9.41 16.20
CA ILE A 234 27.53 10.19 15.05
C ILE A 234 26.96 11.59 15.19
N LEU A 235 27.82 12.59 14.99
CA LEU A 235 27.48 13.99 15.23
C LEU A 235 27.14 14.68 13.92
N PHE A 236 26.03 15.42 13.91
CA PHE A 236 25.65 16.20 12.75
C PHE A 236 26.45 17.50 12.70
N ARG A 237 27.10 17.75 11.57
CA ARG A 237 27.97 18.90 11.40
C ARG A 237 27.43 19.79 10.29
N TYR A 238 27.53 21.11 10.50
CA TYR A 238 27.07 22.08 9.51
C TYR A 238 28.24 22.47 8.61
N ALA A 239 28.18 22.06 7.35
CA ALA A 239 29.24 22.39 6.41
C ALA A 239 29.12 23.80 5.85
N GLY A 240 27.91 24.21 5.48
CA GLY A 240 27.72 25.49 4.83
C GLY A 240 26.38 25.61 4.13
N PRO A 241 26.31 26.49 3.12
CA PRO A 241 25.04 26.71 2.40
C PRO A 241 24.45 25.44 1.81
N GLU A 242 25.28 24.45 1.48
CA GLU A 242 24.75 23.18 0.96
C GLU A 242 23.79 22.55 1.96
N ASP A 243 24.07 22.69 3.25
CA ASP A 243 23.21 22.09 4.28
C ASP A 243 21.84 22.76 4.28
N ASP A 244 21.80 24.09 4.38
CA ASP A 244 20.52 24.79 4.40
C ASP A 244 19.73 24.50 3.13
N ALA A 245 20.42 24.42 1.99
CA ALA A 245 19.73 24.10 0.74
C ALA A 245 19.13 22.70 0.78
N ALA A 246 19.79 21.76 1.44
CA ALA A 246 19.26 20.39 1.51
C ALA A 246 18.09 20.29 2.49
N ILE A 247 18.19 20.94 3.64
CA ILE A 247 17.13 20.84 4.65
C ILE A 247 15.84 21.44 4.13
N THR A 248 15.90 22.67 3.60
CA THR A 248 14.70 23.32 3.08
C THR A 248 14.15 22.55 1.89
N LEU A 249 15.03 21.95 1.07
CA LEU A 249 14.57 21.18 -0.08
C LEU A 249 13.60 20.08 0.35
N ALA A 250 13.92 19.38 1.43
CA ALA A 250 13.08 18.25 1.84
C ALA A 250 11.77 18.73 2.46
N PHE A 251 11.84 19.62 3.45
CA PHE A 251 10.71 19.88 4.34
C PHE A 251 9.89 21.11 4.00
N SER A 252 10.20 21.81 2.90
CA SER A 252 9.43 22.99 2.51
C SER A 252 8.52 22.67 1.34
N LYS A 253 7.29 23.20 1.38
CA LYS A 253 6.34 23.00 0.31
C LYS A 253 6.56 23.92 -0.88
N LYS A 254 7.45 24.90 -0.76
CA LYS A 254 7.86 25.68 -1.92
C LYS A 254 8.77 24.88 -2.84
N LYS A 255 9.39 23.83 -2.33
CA LYS A 255 10.39 23.03 -3.03
C LYS A 255 9.79 21.81 -3.71
N ILE A 256 8.46 21.66 -3.72
CA ILE A 256 7.83 20.43 -4.22
C ILE A 256 8.36 20.07 -5.60
N ASP A 257 8.32 21.03 -6.53
CA ASP A 257 8.83 20.75 -7.87
C ASP A 257 10.33 20.49 -7.88
N ASP A 258 11.07 21.07 -6.92
CA ASP A 258 12.48 20.73 -6.77
C ASP A 258 12.64 19.31 -6.25
N ARG A 259 11.77 18.89 -5.33
CA ARG A 259 11.81 17.50 -4.87
C ARG A 259 11.50 16.53 -5.98
N LYS A 260 10.69 16.95 -6.97
CA LYS A 260 10.44 16.10 -8.12
C LYS A 260 11.72 15.86 -8.91
N GLU A 261 12.42 16.93 -9.27
CA GLU A 261 13.73 16.77 -9.92
C GLU A 261 14.72 16.08 -9.00
N TRP A 262 14.57 16.26 -7.69
CA TRP A 262 15.44 15.59 -6.73
C TRP A 262 15.30 14.08 -6.81
N LEU A 263 14.07 13.58 -6.73
CA LEU A 263 13.85 12.14 -6.74
C LEU A 263 13.93 11.55 -8.13
N THR A 264 13.61 12.32 -9.17
CA THR A 264 13.72 11.82 -10.53
C THR A 264 15.18 11.49 -10.87
N ASN A 265 16.11 12.30 -10.39
CA ASN A 265 17.52 12.00 -10.58
C ASN A 265 17.92 10.74 -9.84
N PHE A 266 17.46 10.61 -8.59
CA PHE A 266 17.80 9.43 -7.79
C PHE A 266 17.25 8.15 -8.41
N MET A 267 16.01 8.19 -8.88
CA MET A 267 15.41 6.99 -9.46
C MET A 267 16.14 6.56 -10.73
N GLU A 268 16.44 7.52 -11.61
CA GLU A 268 17.18 7.20 -12.83
C GLU A 268 18.62 6.81 -12.51
N ASP A 269 19.21 7.44 -11.49
CA ASP A 269 20.59 7.12 -11.13
C ASP A 269 20.70 5.69 -10.60
N ARG A 270 19.82 5.31 -9.68
CA ARG A 270 19.87 3.95 -9.15
C ARG A 270 19.52 2.93 -10.22
N ARG A 271 18.55 3.25 -11.09
CA ARG A 271 18.17 2.32 -12.15
C ARG A 271 19.32 2.12 -13.13
N GLN A 272 20.01 3.20 -13.49
CA GLN A 272 21.21 3.05 -14.32
C GLN A 272 22.32 2.35 -13.56
N ARG A 273 22.47 2.67 -12.26
CA ARG A 273 23.42 1.96 -11.42
C ARG A 273 23.08 0.47 -11.34
N ARG A 274 21.80 0.16 -11.20
CA ARG A 274 21.37 -1.23 -11.17
C ARG A 274 21.65 -1.94 -12.50
N LEU A 275 21.59 -1.19 -13.61
CA LEU A 275 21.84 -1.79 -14.91
C LEU A 275 23.31 -2.11 -15.10
N HIS A 276 24.19 -1.15 -14.82
CA HIS A 276 25.63 -1.34 -15.03
C HIS A 276 26.25 -2.26 -14.00
N GLY A 277 25.51 -2.64 -12.94
CA GLY A 277 26.02 -3.53 -11.93
C GLY A 277 26.79 -2.88 -10.81
N LEU A 278 26.86 -1.54 -10.78
CA LEU A 278 27.58 -0.86 -9.71
C LEU A 278 26.87 -1.08 -8.38
N PRO A 279 27.61 -1.11 -7.27
CA PRO A 279 26.98 -1.38 -5.98
C PRO A 279 26.22 -0.18 -5.45
N GLU A 280 25.25 -0.47 -4.58
CA GLU A 280 24.44 0.58 -3.99
C GLU A 280 25.24 1.32 -2.91
N GLN A 281 25.28 2.64 -3.02
CA GLN A 281 26.01 3.45 -2.04
C GLN A 281 25.25 3.50 -0.74
N PHE A 282 25.98 3.41 0.38
CA PHE A 282 25.39 3.36 1.71
C PHE A 282 26.20 4.22 2.66
N LEU A 283 25.60 4.51 3.81
CA LEU A 283 26.23 5.24 4.91
C LEU A 283 26.60 4.25 6.03
N TYR A 284 27.17 4.80 7.09
CA TYR A 284 27.45 4.06 8.32
C TYR A 284 28.29 2.81 8.06
N LYS A 289 32.54 9.52 14.33
CA LYS A 289 32.43 9.92 12.94
C LYS A 289 31.44 11.07 12.79
N HIS A 290 31.59 11.86 11.74
CA HIS A 290 30.77 13.03 11.52
C HIS A 290 29.89 12.85 10.28
N LEU A 291 28.71 13.47 10.31
CA LEU A 291 27.77 13.41 9.21
C LEU A 291 27.24 14.82 8.95
N THR A 292 27.48 15.34 7.76
CA THR A 292 26.99 16.66 7.40
C THR A 292 25.51 16.60 7.08
N TYR A 293 24.80 17.70 7.37
CA TYR A 293 23.37 17.77 7.11
C TYR A 293 23.05 17.57 5.63
N ASN A 294 23.93 18.05 4.76
CA ASN A 294 23.73 17.85 3.32
C ASN A 294 23.77 16.37 2.96
N ASP A 295 24.81 15.67 3.41
CA ASP A 295 24.96 14.26 3.08
C ASP A 295 23.82 13.43 3.67
N PHE A 296 23.35 13.78 4.86
CA PHE A 296 22.22 13.07 5.44
C PHE A 296 20.98 13.20 4.57
N ILE A 297 20.66 14.42 4.15
CA ILE A 297 19.45 14.64 3.35
C ILE A 297 19.56 13.91 2.01
N ASN A 298 20.69 14.05 1.33
CA ASN A 298 20.83 13.51 -0.01
C ASN A 298 21.12 12.01 -0.01
N LYS A 299 21.93 11.52 0.93
CA LYS A 299 22.28 10.10 0.95
C LYS A 299 21.46 9.26 1.91
N GLU A 300 20.56 9.86 2.71
CA GLU A 300 19.79 9.05 3.64
C GLU A 300 18.29 9.35 3.54
N LEU A 301 17.90 10.58 3.90
CA LEU A 301 16.48 10.93 3.90
C LEU A 301 15.84 10.70 2.54
N ILE A 302 16.63 10.75 1.47
CA ILE A 302 16.09 10.47 0.14
C ILE A 302 15.60 9.03 0.05
N LEU A 303 16.20 8.13 0.83
CA LEU A 303 15.77 6.74 0.80
C LEU A 303 14.38 6.58 1.42
N PHE A 304 14.04 7.40 2.41
CA PHE A 304 12.67 7.40 2.91
C PHE A 304 11.72 7.97 1.88
N SER A 305 12.11 9.05 1.20
CA SER A 305 11.22 9.70 0.25
C SER A 305 10.90 8.77 -0.92
N ASN A 306 11.91 8.07 -1.44
CA ASN A 306 11.64 7.10 -2.51
C ASN A 306 10.80 5.94 -1.99
N SER A 307 11.13 5.41 -0.81
CA SER A 307 10.34 4.34 -0.23
CA SER A 307 10.34 4.34 -0.23
C SER A 307 8.92 4.81 0.09
N ASP A 308 8.76 6.10 0.41
CA ASP A 308 7.42 6.63 0.65
C ASP A 308 6.58 6.62 -0.61
N ASN A 309 7.18 7.04 -1.74
CA ASN A 309 6.47 7.01 -3.01
C ASN A 309 6.15 5.57 -3.43
N GLU A 310 7.06 4.63 -3.15
CA GLU A 310 6.85 3.26 -3.59
C GLU A 310 5.68 2.61 -2.86
N ARG A 311 5.53 2.88 -1.56
CA ARG A 311 4.40 2.32 -0.83
C ARG A 311 3.12 3.11 -1.05
N SER A 312 3.21 4.45 -1.16
CA SER A 312 2.03 5.29 -1.21
C SER A 312 1.45 5.48 -2.61
N ILE A 313 2.20 5.19 -3.67
CA ILE A 313 1.76 5.45 -5.04
C ILE A 313 1.45 4.11 -5.71
N PRO A 314 0.25 3.91 -6.24
CA PRO A 314 -0.11 2.61 -6.81
C PRO A 314 0.56 2.35 -8.15
N SER A 315 0.56 1.08 -8.53
CA SER A 315 1.03 0.62 -9.83
C SER A 315 -0.10 0.68 -10.86
N LEU A 316 0.25 1.02 -12.09
CA LEU A 316 -0.76 1.09 -13.15
C LEU A 316 -1.38 -0.27 -13.43
N VAL A 317 -0.66 -1.35 -13.15
CA VAL A 317 -1.09 -2.67 -13.63
C VAL A 317 -2.29 -3.16 -12.84
N ASP A 318 -2.09 -3.47 -11.56
CA ASP A 318 -3.15 -3.97 -10.71
C ASP A 318 -3.82 -2.88 -9.87
N GLY A 319 -3.34 -1.64 -9.96
CA GLY A 319 -3.90 -0.57 -9.13
C GLY A 319 -3.72 -0.77 -7.65
N PHE A 320 -2.58 -1.31 -7.24
CA PHE A 320 -2.32 -1.68 -5.86
C PHE A 320 -1.09 -0.98 -5.33
N LYS A 321 -0.97 -0.99 -4.02
CA LYS A 321 0.21 -0.56 -3.29
C LYS A 321 0.83 -1.78 -2.62
N PRO A 322 2.13 -1.75 -2.34
CA PRO A 322 2.77 -2.93 -1.71
C PRO A 322 2.01 -3.46 -0.51
N GLY A 323 1.46 -2.58 0.32
CA GLY A 323 0.68 -3.03 1.46
C GLY A 323 -0.57 -3.79 1.03
N GLN A 324 -1.35 -3.21 0.11
CA GLN A 324 -2.58 -3.85 -0.33
C GLN A 324 -2.28 -5.16 -1.06
N ARG A 325 -1.30 -5.14 -1.98
CA ARG A 325 -1.00 -6.34 -2.75
C ARG A 325 -0.52 -7.48 -1.86
N LYS A 326 0.18 -7.15 -0.78
CA LYS A 326 0.58 -8.18 0.17
C LYS A 326 -0.64 -8.79 0.86
N VAL A 327 -1.67 -7.97 1.12
CA VAL A 327 -2.89 -8.48 1.72
C VAL A 327 -3.59 -9.45 0.79
N LEU A 328 -3.70 -9.09 -0.48
CA LEU A 328 -4.47 -9.92 -1.41
C LEU A 328 -3.74 -11.21 -1.73
N PHE A 329 -2.41 -11.18 -1.79
CA PHE A 329 -1.67 -12.43 -1.96
C PHE A 329 -1.95 -13.38 -0.81
N THR A 330 -1.95 -12.86 0.42
CA THR A 330 -2.22 -13.69 1.58
C THR A 330 -3.59 -14.34 1.50
N CYS A 331 -4.63 -13.52 1.28
CA CYS A 331 -5.98 -14.05 1.14
C CYS A 331 -6.03 -15.08 0.01
N PHE A 332 -5.24 -14.84 -1.05
CA PHE A 332 -5.21 -15.76 -2.17
C PHE A 332 -4.57 -17.08 -1.77
N LYS A 333 -3.54 -17.04 -0.94
CA LYS A 333 -2.86 -18.26 -0.51
C LYS A 333 -3.65 -18.99 0.58
N ARG A 334 -4.33 -18.25 1.45
CA ARG A 334 -5.12 -18.89 2.50
C ARG A 334 -6.36 -19.56 1.91
N ASN A 335 -7.05 -18.89 0.99
CA ASN A 335 -8.25 -19.43 0.33
C ASN A 335 -9.30 -19.83 1.36
N ASP A 336 -9.63 -18.89 2.24
CA ASP A 336 -10.58 -19.17 3.31
C ASP A 336 -11.97 -19.40 2.75
N LYS A 337 -12.61 -20.49 3.17
CA LYS A 337 -14.00 -20.77 2.83
C LYS A 337 -14.98 -20.09 3.79
N ARG A 338 -14.50 -19.58 4.92
CA ARG A 338 -15.31 -18.87 5.88
C ARG A 338 -14.60 -17.58 6.27
N GLU A 339 -15.34 -16.69 6.94
CA GLU A 339 -14.78 -15.39 7.30
C GLU A 339 -13.73 -15.53 8.39
N VAL A 340 -12.83 -14.55 8.45
CA VAL A 340 -11.78 -14.48 9.45
C VAL A 340 -11.74 -13.06 10.00
N LYS A 341 -11.44 -12.93 11.29
CA LYS A 341 -11.32 -11.62 11.90
C LYS A 341 -10.24 -10.81 11.20
N VAL A 342 -10.51 -9.51 11.03
CA VAL A 342 -9.55 -8.64 10.37
C VAL A 342 -8.24 -8.59 11.15
N ALA A 343 -8.34 -8.60 12.48
CA ALA A 343 -7.13 -8.61 13.30
C ALA A 343 -6.31 -9.87 13.08
N GLN A 344 -6.97 -11.03 13.07
CA GLN A 344 -6.27 -12.29 12.83
C GLN A 344 -5.71 -12.34 11.42
N LEU A 345 -6.50 -11.90 10.43
CA LEU A 345 -6.02 -11.88 9.05
C LEU A 345 -4.79 -10.99 8.93
N ALA A 346 -4.80 -9.83 9.58
CA ALA A 346 -3.65 -8.95 9.54
C ALA A 346 -2.40 -9.64 10.08
N GLY A 347 -2.54 -10.38 11.19
CA GLY A 347 -1.42 -11.13 11.71
C GLY A 347 -0.93 -12.19 10.73
N SER A 348 -1.87 -12.87 10.06
CA SER A 348 -1.48 -13.88 9.07
C SER A 348 -0.84 -13.22 7.85
N VAL A 349 -1.32 -12.04 7.47
CA VAL A 349 -0.70 -11.29 6.37
C VAL A 349 0.75 -10.98 6.70
N ALA A 350 1.01 -10.53 7.93
CA ALA A 350 2.36 -10.16 8.33
C ALA A 350 3.29 -11.36 8.29
N GLU A 351 2.82 -12.53 8.70
CA GLU A 351 3.66 -13.72 8.72
C GLU A 351 3.95 -14.21 7.31
N MET A 352 2.92 -14.27 6.46
CA MET A 352 3.07 -14.86 5.14
C MET A 352 3.71 -13.90 4.13
N SER A 353 3.32 -12.62 4.17
CA SER A 353 3.77 -11.66 3.17
C SER A 353 4.98 -10.85 3.58
N ALA A 354 5.54 -11.09 4.77
CA ALA A 354 6.70 -10.35 5.28
C ALA A 354 6.44 -8.85 5.30
N TYR A 355 5.35 -8.47 5.97
CA TYR A 355 4.97 -7.07 6.12
C TYR A 355 5.62 -6.53 7.39
N HIS A 356 6.52 -5.56 7.22
CA HIS A 356 7.41 -5.12 8.29
C HIS A 356 6.90 -3.91 9.05
N HIS A 357 5.71 -3.40 8.72
CA HIS A 357 5.18 -2.21 9.36
C HIS A 357 4.18 -2.59 10.46
N GLY A 358 3.63 -1.56 11.10
CA GLY A 358 2.75 -1.78 12.23
C GLY A 358 1.45 -2.47 11.84
N GLU A 359 0.84 -3.12 12.84
CA GLU A 359 -0.38 -3.87 12.60
C GLU A 359 -1.58 -2.97 12.39
N GLN A 360 -1.58 -1.78 13.01
CA GLN A 360 -2.72 -0.87 12.88
C GLN A 360 -2.89 -0.40 11.44
N ALA A 361 -1.79 -0.04 10.78
CA ALA A 361 -1.87 0.43 9.40
C ALA A 361 -2.35 -0.69 8.48
N LEU A 362 -1.96 -1.93 8.77
CA LEU A 362 -2.35 -3.04 7.89
C LEU A 362 -3.82 -3.37 8.02
N MET A 363 -4.37 -3.29 9.25
CA MET A 363 -5.79 -3.58 9.44
C MET A 363 -6.66 -2.56 8.74
N MET A 364 -6.31 -1.28 8.83
CA MET A 364 -7.07 -0.26 8.13
C MET A 364 -6.92 -0.39 6.61
N THR A 365 -5.77 -0.87 6.15
CA THR A 365 -5.62 -1.20 4.74
C THR A 365 -6.62 -2.28 4.33
N ILE A 366 -6.81 -3.28 5.19
CA ILE A 366 -7.80 -4.32 4.92
C ILE A 366 -9.20 -3.74 4.93
N VAL A 367 -9.53 -2.93 5.95
CA VAL A 367 -10.84 -2.31 6.05
C VAL A 367 -11.09 -1.41 4.85
N ASN A 368 -10.07 -0.65 4.44
CA ASN A 368 -10.20 0.19 3.25
C ASN A 368 -10.52 -0.64 2.01
N LEU A 369 -10.02 -1.87 1.96
CA LEU A 369 -10.26 -2.72 0.78
C LEU A 369 -11.67 -3.28 0.77
N ALA A 370 -12.31 -3.40 1.93
CA ALA A 370 -13.59 -4.09 2.04
C ALA A 370 -14.81 -3.16 2.00
N GLN A 371 -14.62 -1.85 1.92
CA GLN A 371 -15.74 -0.93 2.08
C GLN A 371 -16.53 -0.82 0.77
N ASN A 372 -17.81 -1.20 0.83
CA ASN A 372 -18.70 -1.16 -0.32
C ASN A 372 -19.61 0.06 -0.38
N PHE A 373 -19.54 0.97 0.59
CA PHE A 373 -20.52 2.05 0.66
C PHE A 373 -20.27 3.08 -0.44
N VAL A 374 -21.32 3.87 -0.71
CA VAL A 374 -21.31 4.81 -1.83
C VAL A 374 -20.11 5.76 -1.73
N GLY A 375 -19.35 5.85 -2.81
CA GLY A 375 -18.22 6.74 -2.88
C GLY A 375 -16.90 6.12 -2.49
N SER A 376 -16.81 4.80 -2.38
CA SER A 376 -15.58 4.16 -1.95
C SER A 376 -15.02 3.20 -2.99
N ASN A 377 -15.65 2.04 -3.12
CA ASN A 377 -15.15 0.96 -3.98
C ASN A 377 -16.26 0.53 -4.92
N ASN A 378 -16.03 0.67 -6.23
CA ASN A 378 -16.98 0.14 -7.19
C ASN A 378 -17.03 -1.38 -7.12
N ILE A 379 -15.89 -2.01 -6.90
CA ILE A 379 -15.79 -3.44 -6.63
C ILE A 379 -14.92 -3.62 -5.40
N ASN A 380 -15.49 -4.16 -4.32
CA ASN A 380 -14.75 -4.44 -3.10
C ASN A 380 -14.22 -5.86 -3.16
N LEU A 381 -12.89 -6.00 -3.20
CA LEU A 381 -12.27 -7.32 -3.33
C LEU A 381 -12.39 -8.14 -2.05
N LEU A 382 -12.63 -7.49 -0.92
CA LEU A 382 -12.87 -8.19 0.35
C LEU A 382 -14.30 -7.95 0.80
N GLN A 383 -14.94 -9.00 1.30
CA GLN A 383 -16.32 -8.87 1.75
C GLN A 383 -16.37 -8.11 3.07
N PRO A 384 -17.23 -7.25 3.20
CA PRO A 384 -17.38 -6.54 4.49
C PRO A 384 -18.37 -7.23 5.43
N ILE A 385 -17.94 -8.34 6.03
CA ILE A 385 -18.77 -9.08 6.98
CA ILE A 385 -18.76 -9.08 6.97
C ILE A 385 -18.55 -8.48 8.36
N GLY A 386 -19.62 -7.94 8.94
CA GLY A 386 -19.53 -7.06 10.11
C GLY A 386 -19.70 -5.63 9.65
N GLN A 387 -19.48 -4.68 10.55
CA GLN A 387 -19.70 -3.28 10.18
C GLN A 387 -18.33 -2.67 9.93
N PHE A 388 -18.00 -2.49 8.64
CA PHE A 388 -16.82 -1.79 8.13
C PHE A 388 -16.97 -0.29 7.99
N GLY A 389 -18.12 0.20 7.56
CA GLY A 389 -18.24 1.63 7.35
C GLY A 389 -19.66 2.05 7.07
N THR A 390 -19.90 3.33 7.32
CA THR A 390 -21.17 3.97 7.02
C THR A 390 -20.90 5.07 6.01
N ARG A 391 -21.73 5.13 4.96
CA ARG A 391 -21.72 6.32 4.11
C ARG A 391 -21.96 7.57 4.95
N LEU A 392 -22.72 7.43 6.04
CA LEU A 392 -23.01 8.53 6.96
C LEU A 392 -21.74 9.28 7.35
N HIS A 393 -20.82 8.59 8.02
CA HIS A 393 -19.57 9.20 8.49
C HIS A 393 -18.40 9.02 7.53
N GLY A 394 -18.61 8.36 6.39
CA GLY A 394 -17.54 8.21 5.43
C GLY A 394 -16.48 7.19 5.81
N GLY A 395 -16.88 6.06 6.39
CA GLY A 395 -15.96 5.02 6.77
C GLY A 395 -15.32 5.18 8.13
N LYS A 396 -15.41 6.36 8.74
CA LYS A 396 -14.84 6.60 10.05
C LYS A 396 -15.64 5.96 11.18
N ASP A 397 -16.81 5.39 10.89
CA ASP A 397 -17.63 4.69 11.87
C ASP A 397 -17.29 3.21 11.96
N ALA A 398 -16.21 2.79 11.29
CA ALA A 398 -15.79 1.40 11.30
C ALA A 398 -15.66 0.86 12.71
N ALA A 399 -16.15 -0.36 12.91
CA ALA A 399 -15.96 -1.05 14.18
C ALA A 399 -14.51 -1.51 14.31
N SER A 400 -14.11 -1.79 15.55
CA SER A 400 -12.75 -2.21 15.83
C SER A 400 -12.41 -3.45 15.01
N PRO A 401 -11.17 -3.58 14.53
CA PRO A 401 -10.83 -4.71 13.65
C PRO A 401 -10.96 -6.07 14.31
N ARG A 402 -11.00 -6.13 15.65
CA ARG A 402 -11.15 -7.41 16.33
C ARG A 402 -12.56 -7.96 16.20
N TYR A 403 -13.55 -7.08 16.10
CA TYR A 403 -14.96 -7.47 16.10
C TYR A 403 -15.57 -7.58 14.70
N ILE A 404 -14.78 -7.38 13.65
CA ILE A 404 -15.29 -7.50 12.28
C ILE A 404 -14.50 -8.58 11.54
N PHE A 405 -15.12 -9.09 10.47
CA PHE A 405 -14.60 -10.23 9.72
C PHE A 405 -14.56 -9.90 8.24
N THR A 406 -13.76 -10.64 7.48
CA THR A 406 -13.79 -10.46 6.04
C THR A 406 -13.39 -11.76 5.36
N MET A 407 -13.45 -11.75 4.03
CA MET A 407 -13.00 -12.84 3.18
C MET A 407 -13.01 -12.33 1.74
N LEU A 408 -12.65 -13.20 0.82
CA LEU A 408 -12.55 -12.80 -0.58
C LEU A 408 -13.93 -12.67 -1.20
N SER A 409 -14.15 -11.57 -1.91
CA SER A 409 -15.31 -11.49 -2.79
C SER A 409 -15.18 -12.52 -3.90
N THR A 410 -16.30 -13.13 -4.28
CA THR A 410 -16.27 -14.14 -5.33
C THR A 410 -15.71 -13.60 -6.63
N LEU A 411 -15.76 -12.27 -6.83
CA LEU A 411 -15.19 -11.64 -8.01
C LEU A 411 -13.67 -11.50 -7.94
N ALA A 412 -13.06 -11.74 -6.78
CA ALA A 412 -11.63 -11.50 -6.63
C ALA A 412 -10.82 -12.40 -7.56
N ARG A 413 -11.00 -13.71 -7.45
CA ARG A 413 -10.27 -14.61 -8.33
C ARG A 413 -10.71 -14.51 -9.78
N LEU A 414 -11.92 -14.02 -10.05
CA LEU A 414 -12.35 -13.81 -11.43
C LEU A 414 -11.62 -12.63 -12.05
N LEU A 415 -11.38 -11.58 -11.26
CA LEU A 415 -10.62 -10.43 -11.75
C LEU A 415 -9.13 -10.71 -11.80
N PHE A 416 -8.63 -11.55 -10.89
CA PHE A 416 -7.23 -11.95 -10.85
C PHE A 416 -7.19 -13.47 -11.00
N PRO A 417 -7.24 -13.97 -12.24
CA PRO A 417 -7.28 -15.42 -12.44
C PRO A 417 -6.10 -16.13 -11.80
N ALA A 418 -6.37 -17.35 -11.33
CA ALA A 418 -5.35 -18.11 -10.63
C ALA A 418 -4.23 -18.54 -11.56
N VAL A 419 -4.58 -18.92 -12.78
CA VAL A 419 -3.57 -19.41 -13.72
C VAL A 419 -2.54 -18.35 -14.04
N ASP A 420 -2.93 -17.07 -13.96
CA ASP A 420 -2.00 -15.99 -14.27
C ASP A 420 -0.91 -15.83 -13.22
N ASP A 421 -1.04 -16.47 -12.06
CA ASP A 421 0.04 -16.44 -11.08
C ASP A 421 1.31 -17.05 -11.64
N ASN A 422 1.19 -18.05 -12.52
CA ASN A 422 2.36 -18.66 -13.13
C ASN A 422 3.13 -17.69 -14.00
N LEU A 423 2.50 -16.60 -14.43
CA LEU A 423 3.14 -15.62 -15.30
C LEU A 423 3.76 -14.46 -14.54
N LEU A 424 3.62 -14.41 -13.21
CA LEU A 424 4.08 -13.26 -12.46
C LEU A 424 5.53 -13.44 -12.02
N LYS A 425 6.08 -12.41 -11.39
CA LYS A 425 7.39 -12.46 -10.76
C LYS A 425 7.20 -12.25 -9.27
N PHE A 426 7.42 -13.30 -8.48
CA PHE A 426 7.24 -13.22 -7.04
C PHE A 426 8.54 -12.79 -6.39
N LEU A 427 8.44 -11.87 -5.42
CA LEU A 427 9.60 -11.31 -4.77
C LEU A 427 10.04 -12.20 -3.60
N TYR A 428 11.11 -11.81 -2.94
CA TYR A 428 11.69 -12.58 -1.85
C TYR A 428 12.17 -11.66 -0.73
N ASP A 429 11.85 -12.03 0.50
CA ASP A 429 12.38 -11.37 1.70
C ASP A 429 13.13 -12.41 2.51
N ASP A 430 14.45 -12.26 2.58
CA ASP A 430 15.32 -13.15 3.35
C ASP A 430 15.04 -14.62 3.01
N ASN A 431 15.10 -14.94 1.72
CA ASN A 431 14.90 -16.26 1.15
C ASN A 431 13.44 -16.70 1.14
N GLN A 432 12.53 -15.91 1.70
CA GLN A 432 11.10 -16.24 1.74
C GLN A 432 10.39 -15.56 0.57
N ARG A 433 9.89 -16.37 -0.37
CA ARG A 433 9.04 -15.82 -1.42
C ARG A 433 7.76 -15.28 -0.81
N VAL A 434 7.36 -14.07 -1.25
CA VAL A 434 6.15 -13.50 -0.68
C VAL A 434 5.09 -13.20 -1.74
N GLU A 435 5.25 -12.12 -2.50
CA GLU A 435 4.16 -11.70 -3.37
C GLU A 435 4.76 -11.10 -4.63
N PRO A 436 4.01 -11.08 -5.73
CA PRO A 436 4.56 -10.57 -6.99
C PRO A 436 4.74 -9.05 -6.96
N GLU A 437 5.57 -8.58 -7.89
CA GLU A 437 5.70 -7.14 -8.10
C GLU A 437 4.37 -6.52 -8.48
N TRP A 438 3.53 -7.26 -9.21
CA TRP A 438 2.15 -6.85 -9.46
C TRP A 438 1.34 -8.09 -9.79
N TYR A 439 0.02 -7.96 -9.65
CA TYR A 439 -0.88 -8.90 -10.28
C TYR A 439 -1.29 -8.35 -11.65
N ILE A 440 -2.05 -9.12 -12.41
CA ILE A 440 -2.41 -8.71 -13.75
C ILE A 440 -3.90 -8.94 -13.95
N PRO A 441 -4.73 -7.98 -13.58
CA PRO A 441 -6.19 -8.18 -13.66
C PRO A 441 -6.66 -8.21 -15.11
N ILE A 442 -7.85 -8.78 -15.31
CA ILE A 442 -8.46 -8.80 -16.63
C ILE A 442 -8.94 -7.42 -17.08
N ILE A 443 -9.05 -6.48 -16.15
CA ILE A 443 -9.41 -5.09 -16.46
C ILE A 443 -8.60 -4.16 -15.56
N PRO A 444 -8.44 -2.90 -15.96
CA PRO A 444 -7.55 -1.99 -15.22
C PRO A 444 -8.13 -1.56 -13.88
N MET A 445 -7.97 -2.42 -12.87
CA MET A 445 -8.51 -2.17 -11.53
C MET A 445 -8.10 -0.81 -10.99
N VAL A 446 -6.96 -0.27 -11.43
CA VAL A 446 -6.55 1.07 -11.00
C VAL A 446 -7.63 2.09 -11.30
N LEU A 447 -8.37 1.91 -12.40
CA LEU A 447 -9.45 2.81 -12.76
C LEU A 447 -10.74 2.53 -12.00
N ILE A 448 -10.98 1.27 -11.62
CA ILE A 448 -12.27 0.89 -11.05
C ILE A 448 -12.42 1.44 -9.63
N ASN A 449 -11.42 1.20 -8.79
CA ASN A 449 -11.51 1.58 -7.38
C ASN A 449 -10.92 2.95 -7.08
N GLY A 450 -10.44 3.67 -8.09
CA GLY A 450 -9.99 5.04 -7.89
C GLY A 450 -8.78 5.14 -7.00
N ALA A 451 -7.70 4.45 -7.37
CA ALA A 451 -6.49 4.43 -6.55
C ALA A 451 -5.97 5.83 -6.29
N GLU A 452 -5.50 6.07 -5.05
CA GLU A 452 -4.97 7.36 -4.67
C GLU A 452 -3.98 7.17 -3.51
N GLY A 453 -3.09 8.14 -3.36
CA GLY A 453 -2.09 8.09 -2.32
C GLY A 453 -1.20 9.32 -2.37
N ILE A 454 -0.48 9.54 -1.27
CA ILE A 454 0.35 10.72 -1.10
C ILE A 454 1.76 10.28 -0.73
N GLY A 455 2.72 10.54 -1.61
CA GLY A 455 4.12 10.31 -1.31
C GLY A 455 4.88 11.59 -1.03
N THR A 456 6.19 11.57 -1.28
CA THR A 456 7.03 12.77 -1.20
C THR A 456 7.36 13.22 -2.62
N GLY A 457 7.02 14.48 -2.93
CA GLY A 457 7.26 15.03 -4.24
C GLY A 457 6.21 14.71 -5.28
N TRP A 458 5.37 13.71 -5.04
CA TRP A 458 4.32 13.33 -5.97
C TRP A 458 3.11 12.86 -5.19
N ALA A 459 1.94 13.01 -5.82
CA ALA A 459 0.69 12.48 -5.29
C ALA A 459 -0.13 11.94 -6.44
N CYS A 460 -0.93 10.92 -6.14
CA CYS A 460 -1.78 10.28 -7.13
C CYS A 460 -3.24 10.38 -6.67
N LYS A 461 -4.11 10.81 -7.58
CA LYS A 461 -5.54 10.83 -7.31
C LYS A 461 -6.26 10.37 -8.57
N LEU A 462 -7.15 9.38 -8.40
CA LEU A 462 -7.99 8.91 -9.48
C LEU A 462 -9.41 8.75 -8.97
N PRO A 463 -10.40 9.08 -9.79
CA PRO A 463 -11.80 8.78 -9.44
C PRO A 463 -12.11 7.35 -9.84
N ASN A 464 -13.35 6.93 -9.57
CA ASN A 464 -13.71 5.58 -9.96
C ASN A 464 -14.23 5.58 -11.40
N TYR A 465 -14.48 4.38 -11.90
CA TYR A 465 -15.00 4.22 -13.26
C TYR A 465 -15.83 2.95 -13.29
N ASP A 466 -16.90 2.95 -14.07
CA ASP A 466 -17.80 1.80 -14.12
C ASP A 466 -17.08 0.58 -14.67
N ALA A 467 -17.29 -0.57 -14.02
CA ALA A 467 -16.62 -1.78 -14.44
C ALA A 467 -17.10 -2.23 -15.82
N ARG A 468 -18.40 -2.08 -16.09
CA ARG A 468 -18.95 -2.55 -17.35
C ARG A 468 -18.48 -1.68 -18.52
N GLU A 469 -18.49 -0.36 -18.35
CA GLU A 469 -17.98 0.52 -19.41
CA GLU A 469 -17.98 0.50 -19.41
C GLU A 469 -16.53 0.19 -19.75
N ILE A 470 -15.73 -0.14 -18.73
CA ILE A 470 -14.34 -0.52 -18.97
C ILE A 470 -14.28 -1.84 -19.74
N VAL A 471 -15.06 -2.83 -19.30
CA VAL A 471 -15.09 -4.12 -19.99
C VAL A 471 -15.53 -3.95 -21.44
N ASN A 472 -16.52 -3.09 -21.66
CA ASN A 472 -16.95 -2.80 -23.03
C ASN A 472 -15.83 -2.15 -23.83
N ASN A 473 -15.11 -1.21 -23.22
CA ASN A 473 -13.98 -0.59 -23.92
C ASN A 473 -12.90 -1.60 -24.26
N VAL A 474 -12.60 -2.50 -23.31
CA VAL A 474 -11.64 -3.56 -23.59
C VAL A 474 -12.14 -4.43 -24.74
N ARG A 475 -13.44 -4.76 -24.75
CA ARG A 475 -14.00 -5.52 -25.86
C ARG A 475 -13.91 -4.75 -27.16
N ARG A 476 -14.09 -3.43 -27.12
CA ARG A 476 -13.93 -2.62 -28.31
C ARG A 476 -12.50 -2.67 -28.83
N MET A 477 -11.52 -2.57 -27.93
CA MET A 477 -10.12 -2.65 -28.36
C MET A 477 -9.77 -4.06 -28.83
N LEU A 478 -10.44 -5.09 -28.31
CA LEU A 478 -10.19 -6.44 -28.78
C LEU A 478 -10.70 -6.67 -30.20
N ASP A 479 -11.74 -5.94 -30.60
CA ASP A 479 -12.27 -6.05 -31.94
C ASP A 479 -11.60 -5.10 -32.92
N GLY A 480 -10.62 -4.33 -32.46
CA GLY A 480 -9.86 -3.45 -33.32
C GLY A 480 -10.32 -2.01 -33.37
N LEU A 481 -11.18 -1.58 -32.45
CA LEU A 481 -11.71 -0.24 -32.46
C LEU A 481 -10.90 0.66 -31.51
N ASP A 482 -11.28 1.90 -31.48
CA ASP A 482 -10.80 2.90 -30.54
C ASP A 482 -11.67 2.91 -29.29
N PRO A 483 -11.10 3.11 -28.11
CA PRO A 483 -11.92 3.12 -26.91
C PRO A 483 -12.73 4.40 -26.78
N HIS A 484 -13.94 4.28 -26.26
CA HIS A 484 -14.74 5.45 -25.97
C HIS A 484 -14.15 6.21 -24.79
N PRO A 485 -14.24 7.54 -24.78
CA PRO A 485 -13.88 8.29 -23.58
C PRO A 485 -14.79 7.91 -22.43
N MET A 486 -14.28 8.08 -21.21
CA MET A 486 -14.99 7.64 -20.01
C MET A 486 -15.03 8.76 -18.98
N LEU A 487 -16.21 9.07 -18.53
CA LEU A 487 -16.38 9.93 -17.37
C LEU A 487 -16.32 9.11 -16.09
N PRO A 488 -15.86 9.70 -14.99
CA PRO A 488 -15.86 8.96 -13.72
C PRO A 488 -17.27 8.54 -13.33
N ASN A 489 -17.39 7.29 -12.89
CA ASN A 489 -18.66 6.71 -12.49
C ASN A 489 -18.48 6.02 -11.13
N TYR A 490 -19.35 6.37 -10.19
CA TYR A 490 -19.34 5.77 -8.86
C TYR A 490 -20.55 4.87 -8.70
N LYS A 491 -20.33 3.68 -8.15
CA LYS A 491 -21.40 2.69 -8.04
C LYS A 491 -22.49 3.17 -7.10
N ASN A 492 -23.74 3.02 -7.55
CA ASN A 492 -24.93 3.38 -6.77
C ASN A 492 -24.98 4.87 -6.45
N PHE A 493 -24.38 5.71 -7.30
CA PHE A 493 -24.44 7.15 -7.15
C PHE A 493 -25.54 7.67 -8.08
N LYS A 494 -26.60 8.22 -7.49
CA LYS A 494 -27.75 8.68 -8.26
C LYS A 494 -27.56 10.07 -8.83
N GLY A 495 -26.51 10.78 -8.44
CA GLY A 495 -26.26 12.11 -8.95
C GLY A 495 -25.66 12.09 -10.35
N THR A 496 -25.18 13.26 -10.76
CA THR A 496 -24.63 13.45 -12.10
C THR A 496 -23.18 13.91 -12.02
N ILE A 497 -22.36 13.37 -12.92
CA ILE A 497 -20.98 13.82 -13.11
C ILE A 497 -20.82 14.17 -14.58
N GLN A 498 -20.47 15.43 -14.85
CA GLN A 498 -20.32 15.90 -16.21
C GLN A 498 -18.96 16.57 -16.38
N GLU A 499 -18.46 16.55 -17.61
CA GLU A 499 -17.13 17.05 -17.91
C GLU A 499 -17.18 18.56 -18.09
N LEU A 500 -16.36 19.28 -17.32
CA LEU A 500 -16.23 20.73 -17.44
C LEU A 500 -15.15 21.09 -18.45
N GLY A 501 -13.92 20.67 -18.19
CA GLY A 501 -12.76 20.93 -19.02
C GLY A 501 -11.82 19.77 -18.82
N GLN A 502 -10.66 19.84 -19.45
CA GLN A 502 -9.74 18.71 -19.42
C GLN A 502 -9.45 18.31 -17.98
N ASN A 503 -9.72 17.03 -17.67
CA ASN A 503 -9.48 16.47 -16.33
C ASN A 503 -10.15 17.31 -15.23
N GLN A 504 -11.32 17.85 -15.52
CA GLN A 504 -12.12 18.57 -14.54
C GLN A 504 -13.59 18.19 -14.72
N TYR A 505 -14.26 17.90 -13.61
CA TYR A 505 -15.62 17.39 -13.66
C TYR A 505 -16.47 18.09 -12.61
N ALA A 506 -17.78 18.02 -12.81
CA ALA A 506 -18.76 18.59 -11.89
C ALA A 506 -19.62 17.47 -11.34
N VAL A 507 -19.50 17.20 -10.04
CA VAL A 507 -20.27 16.17 -9.36
C VAL A 507 -21.41 16.85 -8.61
N SER A 508 -22.63 16.38 -8.84
CA SER A 508 -23.81 17.04 -8.28
C SER A 508 -24.77 16.00 -7.73
N GLY A 509 -25.34 16.30 -6.56
CA GLY A 509 -26.39 15.49 -5.97
C GLY A 509 -27.73 15.81 -6.60
N GLU A 510 -28.80 15.37 -5.92
CA GLU A 510 -30.15 15.55 -6.40
C GLU A 510 -30.99 16.31 -5.38
N ILE A 511 -31.70 17.32 -5.84
CA ILE A 511 -32.64 18.07 -5.01
C ILE A 511 -33.85 18.43 -5.86
N PHE A 512 -35.05 18.25 -5.30
CA PHE A 512 -36.29 18.50 -6.02
C PHE A 512 -37.13 19.53 -5.28
N VAL A 513 -38.06 20.14 -6.00
CA VAL A 513 -39.03 21.06 -5.41
C VAL A 513 -40.32 20.27 -5.21
N VAL A 514 -40.68 20.01 -3.96
CA VAL A 514 -41.92 19.31 -3.66
C VAL A 514 -43.11 20.27 -3.74
N ASP A 515 -42.98 21.44 -3.12
CA ASP A 515 -44.04 22.44 -3.11
C ASP A 515 -43.42 23.78 -2.73
N ARG A 516 -44.27 24.78 -2.49
CA ARG A 516 -43.78 26.15 -2.31
C ARG A 516 -42.87 26.28 -1.10
N ASN A 517 -43.16 25.57 -0.02
CA ASN A 517 -42.37 25.63 1.19
C ASN A 517 -41.36 24.50 1.35
N THR A 518 -41.31 23.54 0.42
CA THR A 518 -40.60 22.29 0.67
C THR A 518 -39.69 21.92 -0.49
N VAL A 519 -38.48 21.46 -0.15
CA VAL A 519 -37.57 20.85 -1.11
C VAL A 519 -37.08 19.52 -0.53
N GLU A 520 -36.72 18.60 -1.41
CA GLU A 520 -36.32 17.25 -1.03
C GLU A 520 -34.96 16.94 -1.63
N ILE A 521 -33.99 16.63 -0.78
CA ILE A 521 -32.64 16.28 -1.20
C ILE A 521 -32.51 14.76 -1.10
N THR A 522 -32.48 14.08 -2.26
CA THR A 522 -32.32 12.64 -2.27
C THR A 522 -30.88 12.18 -2.54
N GLU A 523 -29.96 13.10 -2.81
CA GLU A 523 -28.58 12.70 -3.09
C GLU A 523 -27.63 13.81 -2.72
N LEU A 524 -26.43 13.42 -2.31
CA LEU A 524 -25.29 14.29 -2.06
C LEU A 524 -24.18 13.94 -3.03
N PRO A 525 -23.35 14.91 -3.43
CA PRO A 525 -22.26 14.60 -4.36
C PRO A 525 -21.31 13.56 -3.78
N VAL A 526 -20.58 12.89 -4.69
CA VAL A 526 -19.69 11.82 -4.29
C VAL A 526 -18.69 12.33 -3.25
N ARG A 527 -18.46 11.52 -2.22
CA ARG A 527 -17.54 11.72 -1.11
C ARG A 527 -18.09 12.71 -0.09
N THR A 528 -19.15 13.44 -0.39
CA THR A 528 -19.78 14.29 0.62
C THR A 528 -20.61 13.41 1.54
N TRP A 529 -20.29 13.44 2.83
CA TRP A 529 -20.87 12.51 3.78
C TRP A 529 -22.15 13.07 4.39
N THR A 530 -23.11 12.17 4.63
CA THR A 530 -24.39 12.54 5.21
C THR A 530 -24.21 13.39 6.47
N GLN A 531 -23.59 12.82 7.51
CA GLN A 531 -23.43 13.53 8.77
C GLN A 531 -22.70 14.85 8.58
N VAL A 532 -21.63 14.86 7.77
CA VAL A 532 -20.87 16.09 7.55
C VAL A 532 -21.74 17.15 6.91
N TYR A 533 -22.53 16.76 5.89
CA TYR A 533 -23.42 17.71 5.23
C TYR A 533 -24.44 18.28 6.21
N LYS A 534 -24.93 17.46 7.13
CA LYS A 534 -25.88 17.95 8.13
C LYS A 534 -25.25 19.02 9.01
N GLU A 535 -24.03 18.77 9.48
CA GLU A 535 -23.41 19.66 10.45
C GLU A 535 -22.96 20.96 9.80
N GLN A 536 -22.31 20.89 8.64
CA GLN A 536 -21.68 22.05 8.04
C GLN A 536 -22.53 22.75 6.98
N VAL A 537 -23.73 22.26 6.68
CA VAL A 537 -24.55 22.90 5.65
C VAL A 537 -25.94 23.21 6.17
N LEU A 538 -26.72 22.18 6.46
CA LEU A 538 -28.12 22.39 6.84
C LEU A 538 -28.23 23.06 8.21
N GLU A 539 -27.43 22.62 9.18
CA GLU A 539 -27.48 23.25 10.50
C GLU A 539 -27.07 24.71 10.48
N PRO A 540 -26.02 25.14 9.75
CA PRO A 540 -25.80 26.59 9.61
C PRO A 540 -26.91 27.29 8.86
N MET A 541 -27.55 26.62 7.89
CA MET A 541 -28.72 27.21 7.25
C MET A 541 -29.87 27.38 8.22
N LEU A 542 -30.11 26.35 9.05
CA LEU A 542 -31.23 26.39 9.98
C LEU A 542 -30.99 27.39 11.11
N ASN A 543 -29.84 27.28 11.79
CA ASN A 543 -29.58 28.11 12.95
C ASN A 543 -29.03 29.49 12.58
N GLY A 544 -28.57 29.66 11.35
CA GLY A 544 -27.95 30.92 10.96
C GLY A 544 -26.57 31.08 11.55
N THR A 545 -25.85 32.11 11.10
CA THR A 545 -24.53 32.41 11.65
C THR A 545 -24.45 33.90 12.00
N ASP A 546 -23.28 34.36 12.41
CA ASP A 546 -23.09 35.78 12.69
C ASP A 546 -23.28 36.61 11.43
N LYS A 547 -22.57 36.25 10.35
CA LYS A 547 -22.66 37.01 9.11
C LYS A 547 -23.93 36.68 8.33
N THR A 548 -24.24 35.40 8.18
CA THR A 548 -25.36 34.96 7.34
C THR A 548 -26.55 34.57 8.19
N PRO A 549 -27.73 35.11 7.91
CA PRO A 549 -28.92 34.76 8.71
C PRO A 549 -29.47 33.39 8.27
N ALA A 550 -30.55 32.98 8.93
CA ALA A 550 -31.10 31.64 8.72
C ALA A 550 -31.87 31.59 7.42
N LEU A 551 -31.45 30.70 6.52
CA LEU A 551 -32.13 30.54 5.23
C LEU A 551 -33.37 29.65 5.33
N ILE A 552 -33.28 28.54 6.06
CA ILE A 552 -34.29 27.50 6.03
C ILE A 552 -35.00 27.43 7.37
N SER A 553 -36.29 27.09 7.34
CA SER A 553 -37.10 27.06 8.56
CA SER A 553 -37.10 27.06 8.54
C SER A 553 -36.89 25.77 9.34
N ASP A 554 -36.82 24.62 8.67
CA ASP A 554 -36.65 23.34 9.36
C ASP A 554 -36.15 22.30 8.37
N TYR A 555 -35.87 21.10 8.88
CA TYR A 555 -35.56 19.95 8.05
C TYR A 555 -35.79 18.68 8.85
N LYS A 556 -35.92 17.56 8.14
CA LYS A 556 -36.09 16.24 8.75
C LYS A 556 -35.18 15.24 8.06
N GLU A 557 -34.96 14.10 8.71
CA GLU A 557 -34.00 13.10 8.23
C GLU A 557 -34.67 11.74 8.11
N TYR A 558 -34.83 11.28 6.88
CA TYR A 558 -35.40 9.98 6.53
C TYR A 558 -34.35 8.90 6.20
N HIS A 559 -33.06 9.19 6.41
CA HIS A 559 -31.97 8.45 5.80
C HIS A 559 -32.05 6.94 6.05
N THR A 560 -31.57 6.19 5.05
CA THR A 560 -31.20 4.80 5.16
C THR A 560 -29.68 4.73 5.21
N ASP A 561 -29.15 3.72 5.89
CA ASP A 561 -27.70 3.60 6.03
C ASP A 561 -26.97 3.73 4.70
N THR A 562 -27.58 3.24 3.61
CA THR A 562 -26.99 3.36 2.28
C THR A 562 -27.54 4.54 1.46
N THR A 563 -28.51 5.29 1.97
CA THR A 563 -29.18 6.32 1.18
C THR A 563 -29.25 7.64 1.94
N VAL A 564 -29.61 8.71 1.23
CA VAL A 564 -29.73 10.05 1.80
C VAL A 564 -31.06 10.64 1.39
N LYS A 565 -31.87 11.02 2.38
CA LYS A 565 -33.11 11.75 2.11
C LYS A 565 -33.24 12.90 3.10
N PHE A 566 -33.25 14.12 2.59
CA PHE A 566 -33.49 15.33 3.37
C PHE A 566 -34.74 16.03 2.86
N VAL A 567 -35.59 16.46 3.79
CA VAL A 567 -36.76 17.27 3.47
C VAL A 567 -36.62 18.59 4.22
N VAL A 568 -36.42 19.68 3.47
CA VAL A 568 -36.13 20.99 4.03
C VAL A 568 -37.34 21.89 3.84
N LYS A 569 -37.66 22.67 4.87
CA LYS A 569 -38.77 23.60 4.83
C LYS A 569 -38.23 25.03 4.81
N MET A 570 -38.77 25.85 3.92
CA MET A 570 -38.37 27.25 3.78
C MET A 570 -39.62 28.10 3.59
N THR A 571 -39.44 29.42 3.74
CA THR A 571 -40.51 30.33 3.40
C THR A 571 -40.74 30.32 1.89
N GLU A 572 -41.94 30.75 1.47
CA GLU A 572 -42.25 30.79 0.05
C GLU A 572 -41.32 31.76 -0.67
N GLU A 573 -41.10 32.95 -0.09
CA GLU A 573 -40.24 33.94 -0.72
C GLU A 573 -38.79 33.46 -0.76
N LYS A 574 -38.31 32.85 0.31
CA LYS A 574 -36.91 32.44 0.37
C LYS A 574 -36.62 31.23 -0.49
N LEU A 575 -37.61 30.36 -0.74
CA LEU A 575 -37.39 29.28 -1.69
C LEU A 575 -37.31 29.81 -3.12
N ALA A 576 -38.19 30.75 -3.45
CA ALA A 576 -38.14 31.37 -4.78
C ALA A 576 -36.77 31.98 -5.04
N GLN A 577 -36.25 32.73 -4.06
CA GLN A 577 -34.90 33.28 -4.20
C GLN A 577 -33.87 32.16 -4.33
N ALA A 578 -34.08 31.04 -3.65
CA ALA A 578 -33.13 29.94 -3.69
C ALA A 578 -33.05 29.33 -5.09
N GLU A 579 -34.19 28.95 -5.66
CA GLU A 579 -34.19 28.40 -7.00
C GLU A 579 -33.88 29.45 -8.06
N ALA A 580 -34.04 30.73 -7.74
CA ALA A 580 -33.60 31.77 -8.65
C ALA A 580 -32.08 31.73 -8.83
N ALA A 581 -31.34 31.77 -7.72
CA ALA A 581 -29.90 31.58 -7.77
C ALA A 581 -29.51 30.14 -8.05
N GLY A 582 -30.47 29.23 -8.05
CA GLY A 582 -30.28 27.81 -8.29
C GLY A 582 -30.21 27.03 -6.98
N LEU A 583 -30.75 25.81 -7.02
CA LEU A 583 -30.84 25.03 -5.78
C LEU A 583 -29.53 24.36 -5.43
N HIS A 584 -28.80 23.85 -6.44
CA HIS A 584 -27.56 23.15 -6.16
C HIS A 584 -26.47 24.08 -5.64
N LYS A 585 -26.44 25.33 -6.11
CA LYS A 585 -25.46 26.29 -5.62
C LYS A 585 -25.79 26.74 -4.21
N VAL A 586 -27.08 26.99 -3.92
CA VAL A 586 -27.48 27.43 -2.59
C VAL A 586 -27.19 26.34 -1.56
N PHE A 587 -27.63 25.12 -1.83
CA PHE A 587 -27.55 24.03 -0.87
C PHE A 587 -26.23 23.26 -0.97
N LYS A 588 -25.30 23.71 -1.80
CA LYS A 588 -23.93 23.20 -1.83
C LYS A 588 -23.89 21.73 -2.23
N LEU A 589 -24.67 21.38 -3.25
CA LEU A 589 -24.72 20.00 -3.74
C LEU A 589 -23.79 19.76 -4.93
N GLN A 590 -23.02 20.76 -5.34
CA GLN A 590 -22.03 20.62 -6.40
C GLN A 590 -20.63 20.76 -5.81
N THR A 591 -19.77 19.78 -6.09
CA THR A 591 -18.36 19.84 -5.74
C THR A 591 -17.55 19.60 -7.00
N THR A 592 -16.53 20.43 -7.22
CA THR A 592 -15.66 20.24 -8.37
C THR A 592 -14.81 18.99 -8.17
N LEU A 593 -14.56 18.26 -9.25
CA LEU A 593 -13.64 17.14 -9.25
C LEU A 593 -12.63 17.35 -10.36
N THR A 594 -11.36 17.50 -9.99
CA THR A 594 -10.28 17.66 -10.95
C THR A 594 -9.13 16.76 -10.50
N CYS A 595 -8.73 15.84 -11.36
CA CYS A 595 -7.45 15.17 -11.18
C CYS A 595 -6.56 15.59 -12.33
N ASN A 596 -5.61 16.49 -12.04
CA ASN A 596 -4.49 16.76 -12.93
C ASN A 596 -3.23 16.02 -12.51
N SER A 597 -3.26 15.32 -11.38
CA SER A 597 -2.17 14.44 -10.98
C SER A 597 -2.69 13.02 -11.03
N MET A 598 -2.28 12.28 -12.04
CA MET A 598 -2.44 10.83 -12.09
C MET A 598 -1.05 10.26 -12.25
N VAL A 599 -0.55 9.60 -11.22
CA VAL A 599 0.85 9.19 -11.15
C VAL A 599 0.88 7.73 -10.75
N LEU A 600 1.41 6.89 -11.62
CA LEU A 600 1.41 5.46 -11.39
C LEU A 600 2.78 4.89 -11.75
N PHE A 601 3.12 3.76 -11.13
CA PHE A 601 4.30 3.01 -11.51
C PHE A 601 3.93 2.07 -12.65
N ASP A 602 4.57 2.24 -13.80
CA ASP A 602 4.29 1.39 -14.94
C ASP A 602 4.92 0.01 -14.74
N HIS A 603 4.77 -0.86 -15.74
CA HIS A 603 5.25 -2.23 -15.61
C HIS A 603 6.77 -2.32 -15.51
N MET A 604 7.50 -1.23 -15.73
CA MET A 604 8.93 -1.22 -15.50
C MET A 604 9.32 -0.69 -14.13
N GLY A 605 8.34 -0.36 -13.29
CA GLY A 605 8.64 0.23 -12.00
C GLY A 605 9.05 1.68 -12.05
N CYS A 606 8.86 2.34 -13.19
CA CYS A 606 9.21 3.75 -13.33
C CYS A 606 7.98 4.62 -13.07
N LEU A 607 8.21 5.75 -12.41
CA LEU A 607 7.13 6.68 -12.12
C LEU A 607 6.80 7.51 -13.35
N LYS A 608 5.53 7.49 -13.75
CA LYS A 608 5.08 8.23 -14.92
C LYS A 608 3.77 8.94 -14.60
N LYS A 609 3.62 10.14 -15.12
CA LYS A 609 2.38 10.91 -14.99
C LYS A 609 1.54 10.72 -16.25
N TYR A 610 0.26 10.45 -16.06
CA TYR A 610 -0.66 10.17 -17.15
C TYR A 610 -1.66 11.31 -17.27
N GLU A 611 -1.75 11.89 -18.47
CA GLU A 611 -2.59 13.06 -18.67
C GLU A 611 -4.07 12.68 -18.83
N THR A 612 -4.36 11.55 -19.46
CA THR A 612 -5.72 11.10 -19.66
C THR A 612 -5.85 9.66 -19.18
N VAL A 613 -7.08 9.29 -18.82
CA VAL A 613 -7.35 7.92 -18.42
CA VAL A 613 -7.34 7.91 -18.41
C VAL A 613 -7.20 6.97 -19.60
N GLN A 614 -7.44 7.47 -20.82
CA GLN A 614 -7.29 6.64 -22.02
CA GLN A 614 -7.29 6.63 -22.00
C GLN A 614 -5.86 6.16 -22.17
N ASP A 615 -4.88 6.95 -21.70
CA ASP A 615 -3.49 6.49 -21.71
C ASP A 615 -3.32 5.30 -20.80
N ILE A 616 -3.89 5.38 -19.58
CA ILE A 616 -3.80 4.28 -18.63
C ILE A 616 -4.48 3.03 -19.19
N LEU A 617 -5.64 3.21 -19.84
CA LEU A 617 -6.35 2.08 -20.42
C LEU A 617 -5.57 1.44 -21.56
N LYS A 618 -4.98 2.26 -22.43
CA LYS A 618 -4.21 1.72 -23.54
C LYS A 618 -2.95 1.00 -23.07
N GLU A 619 -2.21 1.63 -22.16
CA GLU A 619 -0.98 1.01 -21.66
C GLU A 619 -1.28 -0.28 -20.91
N PHE A 620 -2.38 -0.31 -20.14
CA PHE A 620 -2.79 -1.56 -19.51
C PHE A 620 -3.16 -2.60 -20.56
N PHE A 621 -3.84 -2.18 -21.62
CA PHE A 621 -4.32 -3.13 -22.62
C PHE A 621 -3.17 -3.85 -23.31
N ASP A 622 -2.13 -3.12 -23.68
CA ASP A 622 -0.99 -3.74 -24.35
C ASP A 622 -0.30 -4.75 -23.46
N LEU A 623 -0.13 -4.43 -22.18
CA LEU A 623 0.51 -5.35 -21.25
C LEU A 623 -0.37 -6.57 -20.99
N ARG A 624 -1.66 -6.34 -20.73
CA ARG A 624 -2.56 -7.44 -20.38
C ARG A 624 -2.76 -8.39 -21.57
N LEU A 625 -2.92 -7.84 -22.77
CA LEU A 625 -3.04 -8.69 -23.95
C LEU A 625 -1.75 -9.45 -24.20
N SER A 626 -0.60 -8.82 -23.92
CA SER A 626 0.67 -9.52 -24.07
C SER A 626 0.78 -10.68 -23.10
N TYR A 627 0.29 -10.50 -21.87
CA TYR A 627 0.29 -11.57 -20.87
C TYR A 627 -0.74 -12.64 -21.16
N TYR A 628 -1.82 -12.30 -21.87
CA TYR A 628 -2.78 -13.34 -22.28
C TYR A 628 -2.15 -14.31 -23.26
N GLY A 629 -1.34 -13.78 -24.19
CA GLY A 629 -0.58 -14.67 -25.06
C GLY A 629 0.43 -15.51 -24.31
N LEU A 630 1.03 -14.94 -23.27
CA LEU A 630 1.93 -15.71 -22.40
C LEU A 630 1.17 -16.81 -21.68
N ARG A 631 -0.10 -16.58 -21.33
CA ARG A 631 -0.89 -17.62 -20.69
C ARG A 631 -1.16 -18.78 -21.65
N LYS A 632 -1.45 -18.47 -22.91
CA LYS A 632 -1.62 -19.52 -23.89
C LYS A 632 -0.32 -20.30 -24.10
N GLU A 633 0.81 -19.59 -24.17
CA GLU A 633 2.09 -20.26 -24.32
C GLU A 633 2.41 -21.12 -23.10
N TRP A 634 1.97 -20.69 -21.91
CA TRP A 634 2.18 -21.49 -20.72
C TRP A 634 1.19 -22.65 -20.64
N LEU A 635 -0.07 -22.42 -21.03
CA LEU A 635 -1.08 -23.47 -20.92
C LEU A 635 -0.81 -24.62 -21.87
N VAL A 636 -0.45 -24.32 -23.12
CA VAL A 636 -0.17 -25.38 -24.08
C VAL A 636 1.05 -26.19 -23.66
N GLY A 637 1.99 -25.56 -22.95
CA GLY A 637 3.10 -26.32 -22.40
C GLY A 637 2.69 -27.20 -21.24
N MET A 638 1.85 -26.67 -20.35
CA MET A 638 1.37 -27.45 -19.22
C MET A 638 0.40 -28.54 -19.68
N LEU A 639 -0.63 -28.14 -20.44
CA LEU A 639 -1.57 -29.13 -20.97
C LEU A 639 -0.87 -30.12 -21.89
N GLY A 640 0.21 -29.70 -22.56
CA GLY A 640 0.96 -30.62 -23.39
C GLY A 640 1.76 -31.61 -22.58
N ALA A 641 2.42 -31.13 -21.52
CA ALA A 641 3.14 -32.04 -20.64
C ALA A 641 2.20 -32.98 -19.91
N GLU A 642 0.97 -32.54 -19.62
CA GLU A 642 -0.01 -33.42 -19.00
C GLU A 642 -0.49 -34.49 -19.97
N SER A 643 -0.65 -34.13 -21.25
CA SER A 643 -1.10 -35.10 -22.24
C SER A 643 -0.05 -36.17 -22.49
N THR A 644 1.23 -35.76 -22.55
CA THR A 644 2.30 -36.75 -22.68
C THR A 644 2.35 -37.67 -21.47
N LYS A 645 2.09 -37.12 -20.28
CA LYS A 645 2.05 -37.94 -19.08
C LYS A 645 0.96 -38.99 -19.17
N LEU A 646 -0.25 -38.58 -19.58
CA LEU A 646 -1.34 -39.54 -19.72
C LEU A 646 -1.09 -40.52 -20.85
N ASN A 647 -0.28 -40.15 -21.85
CA ASN A 647 0.05 -41.07 -22.92
C ASN A 647 1.01 -42.14 -22.45
N ASN A 648 2.09 -41.75 -21.77
CA ASN A 648 3.06 -42.72 -21.27
C ASN A 648 2.48 -43.56 -20.13
N GLN A 649 1.60 -42.98 -19.31
CA GLN A 649 0.88 -43.77 -18.33
C GLN A 649 0.00 -44.81 -19.01
N ALA A 650 -0.67 -44.43 -20.09
CA ALA A 650 -1.53 -45.36 -20.81
C ALA A 650 -0.73 -46.42 -21.55
N ARG A 651 0.39 -46.01 -22.16
CA ARG A 651 1.21 -46.97 -22.90
C ARG A 651 1.79 -48.04 -21.98
N PHE A 652 2.27 -47.64 -20.80
CA PHE A 652 2.81 -48.60 -19.85
C PHE A 652 1.73 -49.56 -19.38
N ILE A 653 0.60 -49.03 -18.92
CA ILE A 653 -0.45 -49.88 -18.35
C ILE A 653 -1.04 -50.78 -19.43
N LEU A 654 -1.10 -50.30 -20.68
CA LEU A 654 -1.68 -51.10 -21.75
C LEU A 654 -0.77 -52.25 -22.16
N GLU A 655 0.54 -52.08 -21.99
CA GLU A 655 1.47 -53.17 -22.28
C GLU A 655 1.53 -54.19 -21.14
N LYS A 656 1.39 -53.74 -19.89
CA LYS A 656 1.33 -54.68 -18.78
C LYS A 656 0.03 -55.47 -18.77
N ILE A 657 -1.07 -54.85 -19.21
CA ILE A 657 -2.34 -55.55 -19.24
C ILE A 657 -2.41 -56.50 -20.44
N GLN A 658 -1.80 -56.13 -21.56
CA GLN A 658 -1.70 -57.01 -22.71
C GLN A 658 -0.61 -58.06 -22.55
N GLY A 659 0.20 -57.97 -21.49
CA GLY A 659 1.26 -58.92 -21.26
C GLY A 659 2.56 -58.59 -21.97
N LYS A 660 2.71 -57.38 -22.51
CA LYS A 660 3.92 -57.05 -23.25
C LYS A 660 5.14 -56.96 -22.34
N ILE A 661 4.94 -56.58 -21.07
CA ILE A 661 6.04 -56.51 -20.11
C ILE A 661 5.50 -56.86 -18.73
N THR A 662 6.32 -57.54 -17.94
CA THR A 662 5.98 -57.94 -16.59
C THR A 662 6.94 -57.26 -15.62
N ILE A 663 6.38 -56.46 -14.70
CA ILE A 663 7.18 -55.72 -13.73
C ILE A 663 7.59 -56.59 -12.54
N GLU A 664 7.03 -57.79 -12.43
CA GLU A 664 7.25 -58.64 -11.26
C GLU A 664 8.73 -58.90 -11.03
N ASN A 665 9.17 -58.65 -9.79
CA ASN A 665 10.51 -58.96 -9.29
C ASN A 665 11.61 -58.12 -9.92
N ARG A 666 11.28 -57.34 -10.95
CA ARG A 666 12.29 -56.49 -11.58
C ARG A 666 12.90 -55.54 -10.57
N SER A 667 14.22 -55.55 -10.49
CA SER A 667 14.93 -54.70 -9.55
C SER A 667 14.75 -53.23 -9.92
N LYS A 668 14.91 -52.36 -8.91
CA LYS A 668 14.75 -50.93 -9.13
C LYS A 668 15.72 -50.42 -10.19
N LYS A 669 17.00 -50.75 -10.05
CA LYS A 669 17.98 -50.35 -11.06
C LYS A 669 17.73 -51.06 -12.38
N ASP A 670 17.25 -52.30 -12.34
CA ASP A 670 16.99 -53.04 -13.58
C ASP A 670 15.74 -52.52 -14.28
N LEU A 671 14.68 -52.24 -13.51
CA LEU A 671 13.44 -51.75 -14.11
C LEU A 671 13.62 -50.34 -14.66
N ILE A 672 14.28 -49.46 -13.89
CA ILE A 672 14.50 -48.09 -14.35
C ILE A 672 15.34 -48.08 -15.62
N GLN A 673 16.35 -48.95 -15.68
CA GLN A 673 17.14 -49.07 -16.90
C GLN A 673 16.34 -49.67 -18.04
N MET A 674 15.38 -50.54 -17.72
CA MET A 674 14.53 -51.14 -18.75
C MET A 674 13.46 -50.15 -19.21
N LEU A 675 12.90 -49.38 -18.29
CA LEU A 675 11.86 -48.41 -18.65
C LEU A 675 12.41 -47.34 -19.59
N VAL A 676 13.63 -46.87 -19.36
CA VAL A 676 14.24 -45.90 -20.26
C VAL A 676 14.71 -46.55 -21.55
N GLN A 677 14.98 -47.85 -21.55
CA GLN A 677 15.35 -48.55 -22.76
C GLN A 677 14.15 -48.85 -23.65
N ARG A 678 12.94 -48.81 -23.10
CA ARG A 678 11.73 -49.09 -23.86
C ARG A 678 11.09 -47.83 -24.42
N GLY A 679 11.63 -46.65 -24.12
CA GLY A 679 11.17 -45.42 -24.74
C GLY A 679 10.23 -44.56 -23.93
N TYR A 680 10.07 -44.83 -22.63
CA TYR A 680 9.13 -44.05 -21.82
C TYR A 680 9.79 -42.76 -21.34
N GLU A 681 9.11 -41.64 -21.56
CA GLU A 681 9.61 -40.34 -21.12
C GLU A 681 9.58 -40.23 -19.61
N SER A 682 10.40 -39.32 -19.08
CA SER A 682 10.55 -39.14 -17.65
C SER A 682 9.78 -37.92 -17.19
N ASP A 683 8.67 -38.14 -16.47
CA ASP A 683 7.85 -37.15 -15.77
C ASP A 683 7.76 -35.84 -16.54
N PRO A 684 7.07 -35.83 -17.69
CA PRO A 684 7.06 -34.62 -18.54
C PRO A 684 6.64 -33.36 -17.82
N VAL A 685 5.80 -33.45 -16.78
CA VAL A 685 5.37 -32.25 -16.08
C VAL A 685 6.50 -31.67 -15.24
N LYS A 686 7.16 -32.51 -14.44
CA LYS A 686 8.26 -32.02 -13.61
C LYS A 686 9.49 -31.67 -14.45
N ALA A 687 9.67 -32.34 -15.59
CA ALA A 687 10.75 -31.95 -16.49
C ALA A 687 10.47 -30.60 -17.14
N TRP A 688 9.22 -30.39 -17.58
CA TRP A 688 8.85 -29.09 -18.14
C TRP A 688 8.79 -28.01 -17.07
N LYS A 689 8.42 -28.37 -15.83
CA LYS A 689 8.40 -27.39 -14.76
C LYS A 689 9.81 -26.96 -14.37
N GLU A 690 10.74 -27.93 -14.31
CA GLU A 690 12.12 -27.61 -13.99
C GLU A 690 12.84 -26.91 -15.14
N ALA A 691 12.38 -27.11 -16.38
CA ALA A 691 13.05 -26.50 -17.53
C ALA A 691 12.77 -25.02 -17.67
N GLN A 692 11.81 -24.48 -16.90
CA GLN A 692 11.49 -23.06 -17.01
C GLN A 692 12.58 -22.18 -16.43
N GLU A 693 13.44 -22.71 -15.57
CA GLU A 693 14.52 -21.93 -14.97
C GLU A 693 15.60 -21.61 -16.00
N GLY A 717 18.65 -38.63 -11.38
CA GLY A 717 18.24 -39.74 -12.23
C GLY A 717 16.83 -39.58 -12.78
N PRO A 718 16.55 -40.28 -13.88
CA PRO A 718 15.19 -40.23 -14.46
C PRO A 718 14.13 -40.58 -13.43
N ASP A 719 13.00 -39.87 -13.49
CA ASP A 719 11.89 -40.09 -12.57
C ASP A 719 10.72 -40.66 -13.37
N PHE A 720 10.46 -41.95 -13.22
CA PHE A 720 9.26 -42.62 -13.70
C PHE A 720 8.20 -42.81 -12.63
N ASN A 721 8.43 -42.30 -11.41
CA ASN A 721 7.57 -42.59 -10.26
C ASN A 721 6.09 -42.38 -10.59
N TYR A 722 5.77 -41.36 -11.37
CA TYR A 722 4.37 -41.10 -11.73
C TYR A 722 3.72 -42.32 -12.38
N ILE A 723 4.49 -43.12 -13.09
CA ILE A 723 3.97 -44.36 -13.66
C ILE A 723 3.91 -45.46 -12.60
N LEU A 724 4.95 -45.58 -11.78
CA LEU A 724 5.06 -46.70 -10.86
C LEU A 724 4.40 -46.45 -9.51
N ASN A 725 3.93 -45.24 -9.24
CA ASN A 725 3.13 -44.98 -8.06
C ASN A 725 1.63 -45.16 -8.30
N MET A 726 1.24 -45.58 -9.50
CA MET A 726 -0.17 -45.80 -9.80
C MET A 726 -0.71 -46.96 -8.98
N SER A 727 -1.98 -46.85 -8.62
CA SER A 727 -2.64 -47.90 -7.87
C SER A 727 -2.71 -49.18 -8.71
N LEU A 728 -2.71 -50.33 -8.02
CA LEU A 728 -2.97 -51.58 -8.70
C LEU A 728 -4.38 -51.62 -9.26
N TRP A 729 -5.28 -50.77 -8.75
CA TRP A 729 -6.59 -50.61 -9.36
C TRP A 729 -6.49 -50.23 -10.83
N SER A 730 -5.41 -49.54 -11.21
CA SER A 730 -5.26 -49.05 -12.58
C SER A 730 -5.46 -50.15 -13.60
N LEU A 731 -4.91 -51.35 -13.32
CA LEU A 731 -5.00 -52.47 -14.25
C LEU A 731 -6.42 -53.02 -14.41
N THR A 732 -7.36 -52.58 -13.59
CA THR A 732 -8.74 -53.05 -13.70
C THR A 732 -9.38 -52.56 -14.99
N LYS A 733 -10.44 -53.26 -15.39
CA LYS A 733 -11.08 -52.99 -16.69
C LYS A 733 -11.68 -51.59 -16.74
N GLU A 734 -12.31 -51.14 -15.66
CA GLU A 734 -12.87 -49.80 -15.66
C GLU A 734 -11.84 -48.72 -15.40
N LYS A 735 -10.70 -49.05 -14.79
CA LYS A 735 -9.66 -48.06 -14.56
C LYS A 735 -8.82 -47.82 -15.81
N VAL A 736 -8.67 -48.84 -16.66
CA VAL A 736 -8.02 -48.60 -17.95
C VAL A 736 -8.97 -47.88 -18.89
N GLU A 737 -10.27 -48.19 -18.82
CA GLU A 737 -11.24 -47.52 -19.68
C GLU A 737 -11.38 -46.05 -19.33
N GLU A 738 -11.42 -45.72 -18.03
CA GLU A 738 -11.47 -44.33 -17.62
C GLU A 738 -10.14 -43.62 -17.85
N LEU A 739 -9.04 -44.37 -17.93
CA LEU A 739 -7.74 -43.75 -18.18
C LEU A 739 -7.57 -43.42 -19.67
N ILE A 740 -8.07 -44.30 -20.55
CA ILE A 740 -8.08 -43.98 -21.97
C ILE A 740 -8.98 -42.79 -22.26
N LYS A 741 -10.12 -42.71 -21.56
CA LYS A 741 -11.01 -41.56 -21.73
C LYS A 741 -10.34 -40.29 -21.22
N GLN A 742 -9.59 -40.38 -20.12
CA GLN A 742 -8.79 -39.25 -19.66
C GLN A 742 -7.73 -38.88 -20.69
N ARG A 743 -7.15 -39.89 -21.34
CA ARG A 743 -6.10 -39.64 -22.31
C ARG A 743 -6.65 -38.93 -23.55
N ASP A 744 -7.78 -39.40 -24.06
CA ASP A 744 -8.37 -38.78 -25.25
C ASP A 744 -8.95 -37.41 -24.94
N ALA A 745 -9.43 -37.20 -23.71
CA ALA A 745 -10.01 -35.91 -23.36
C ALA A 745 -8.95 -34.82 -23.22
N LYS A 746 -7.75 -35.18 -22.75
CA LYS A 746 -6.71 -34.18 -22.59
C LYS A 746 -6.12 -33.79 -23.95
N GLY A 747 -5.95 -34.76 -24.85
CA GLY A 747 -5.50 -34.43 -26.18
C GLY A 747 -6.47 -33.53 -26.92
N ARG A 748 -7.76 -33.78 -26.78
CA ARG A 748 -8.76 -32.87 -27.34
C ARG A 748 -8.73 -31.52 -26.63
N GLU A 749 -8.41 -31.51 -25.34
CA GLU A 749 -8.29 -30.24 -24.62
C GLU A 749 -7.13 -29.41 -25.16
N VAL A 750 -5.99 -30.05 -25.45
CA VAL A 750 -4.87 -29.33 -26.03
C VAL A 750 -5.23 -28.84 -27.43
N ASN A 751 -5.88 -29.68 -28.23
CA ASN A 751 -6.25 -29.28 -29.58
C ASN A 751 -7.26 -28.14 -29.57
N ASP A 752 -8.17 -28.13 -28.59
CA ASP A 752 -9.18 -27.08 -28.52
C ASP A 752 -8.54 -25.75 -28.11
N LEU A 753 -7.78 -25.74 -27.02
CA LEU A 753 -7.18 -24.50 -26.54
C LEU A 753 -6.12 -23.98 -27.51
N LYS A 754 -5.46 -24.87 -28.26
CA LYS A 754 -4.47 -24.42 -29.24
C LYS A 754 -5.10 -23.66 -30.39
N ARG A 755 -6.39 -23.90 -30.66
CA ARG A 755 -7.10 -23.21 -31.73
C ARG A 755 -7.75 -21.92 -31.27
N LYS A 756 -7.61 -21.56 -30.00
CA LYS A 756 -8.18 -20.32 -29.47
C LYS A 756 -7.16 -19.20 -29.55
N SER A 757 -7.63 -17.99 -29.87
CA SER A 757 -6.76 -16.84 -29.87
C SER A 757 -6.63 -16.28 -28.45
N PRO A 758 -5.54 -15.56 -28.16
CA PRO A 758 -5.43 -14.92 -26.84
C PRO A 758 -6.56 -13.96 -26.55
N SER A 759 -7.12 -13.32 -27.59
CA SER A 759 -8.29 -12.48 -27.38
C SER A 759 -9.51 -13.30 -26.99
N ASP A 760 -9.62 -14.52 -27.51
CA ASP A 760 -10.73 -15.39 -27.12
C ASP A 760 -10.64 -15.80 -25.66
N LEU A 761 -9.43 -16.00 -25.15
CA LEU A 761 -9.26 -16.28 -23.72
C LEU A 761 -9.65 -15.09 -22.88
N TRP A 762 -9.33 -13.88 -23.34
CA TRP A 762 -9.70 -12.67 -22.60
C TRP A 762 -11.21 -12.49 -22.57
N LYS A 763 -11.87 -12.70 -23.71
CA LYS A 763 -13.32 -12.55 -23.76
C LYS A 763 -14.01 -13.56 -22.85
N GLU A 764 -13.45 -14.75 -22.72
CA GLU A 764 -14.00 -15.73 -21.78
C GLU A 764 -13.91 -15.24 -20.35
N ASP A 765 -12.73 -14.72 -19.96
CA ASP A 765 -12.57 -14.20 -18.60
C ASP A 765 -13.49 -13.03 -18.35
N LEU A 766 -13.69 -12.17 -19.36
CA LEU A 766 -14.60 -11.04 -19.20
C LEU A 766 -16.04 -11.50 -19.07
N ALA A 767 -16.44 -12.50 -19.87
CA ALA A 767 -17.82 -12.98 -19.84
C ALA A 767 -18.13 -13.63 -18.49
N ALA A 768 -17.19 -14.40 -17.95
CA ALA A 768 -17.42 -15.02 -16.64
C ALA A 768 -17.47 -13.96 -15.54
N PHE A 769 -16.65 -12.91 -15.66
CA PHE A 769 -16.66 -11.86 -14.65
C PHE A 769 -17.98 -11.10 -14.62
N VAL A 770 -18.52 -10.75 -15.80
CA VAL A 770 -19.76 -9.99 -15.82
C VAL A 770 -20.94 -10.86 -15.39
N GLU A 771 -20.86 -12.17 -15.62
CA GLU A 771 -21.94 -13.05 -15.17
C GLU A 771 -22.04 -13.07 -13.65
N GLU A 772 -20.89 -13.19 -12.97
CA GLU A 772 -20.88 -13.13 -11.52
C GLU A 772 -21.11 -11.71 -11.01
N LEU A 773 -20.63 -10.71 -11.75
CA LEU A 773 -20.84 -9.33 -11.34
C LEU A 773 -22.33 -8.97 -11.35
N ASP A 774 -23.05 -9.44 -12.37
CA ASP A 774 -24.50 -9.24 -12.38
C ASP A 774 -25.17 -10.00 -11.24
N LYS A 775 -24.73 -11.23 -10.98
CA LYS A 775 -25.31 -12.02 -9.90
C LYS A 775 -25.04 -11.39 -8.54
N VAL A 776 -23.79 -10.97 -8.31
CA VAL A 776 -23.42 -10.41 -7.01
C VAL A 776 -24.13 -9.09 -6.77
N GLU A 777 -24.07 -8.18 -7.76
CA GLU A 777 -24.68 -6.86 -7.59
C GLU A 777 -26.20 -6.95 -7.48
N SER A 778 -26.83 -7.91 -8.15
CA SER A 778 -28.27 -8.10 -7.99
C SER A 778 -28.60 -8.64 -6.61
N GLN A 779 -27.78 -9.56 -6.10
CA GLN A 779 -27.97 -10.04 -4.74
C GLN A 779 -27.72 -8.92 -3.73
N GLU A 780 -26.82 -7.99 -4.04
CA GLU A 780 -26.58 -6.87 -3.15
C GLU A 780 -27.80 -5.98 -3.03
N ARG A 781 -28.42 -5.65 -4.17
CA ARG A 781 -29.59 -4.77 -4.14
C ARG A 781 -30.77 -5.44 -3.45
N GLU A 782 -30.95 -6.75 -3.68
CA GLU A 782 -32.06 -7.46 -3.05
C GLU A 782 -31.91 -7.51 -1.53
N ASP A 783 -30.67 -7.50 -1.04
CA ASP A 783 -30.41 -7.52 0.40
C ASP A 783 -30.55 -6.13 1.00
P IU C 4 2.76 17.72 10.08
OP1 IU C 4 3.69 18.92 9.93
OP2 IU C 4 1.32 17.85 9.61
O5' IU C 4 3.42 16.50 9.32
C5' IU C 4 4.78 16.13 9.55
C4' IU C 4 5.27 15.15 8.53
O4' IU C 4 4.44 13.95 8.58
C3' IU C 4 5.22 15.65 7.09
O3' IU C 4 6.33 15.12 6.35
C2' IU C 4 3.91 15.06 6.58
O2' IU C 4 3.88 14.86 5.18
C1' IU C 4 3.84 13.74 7.33
N1 IU C 4 2.46 13.26 7.56
C2 IU C 4 2.09 11.85 7.25
O2 IU C 4 2.91 11.11 6.81
N3 IU C 4 0.68 11.36 7.48
C4 IU C 4 -0.32 12.27 8.03
O4 IU C 4 -1.42 11.89 8.21
C5 IU C 4 0.05 13.70 8.35
C6 IU C 4 1.45 14.16 8.10
I5 IU C 4 -1.41 15.02 9.13
P IU C 9 -10.58 19.09 -6.95
OP1 IU C 9 -10.19 17.62 -6.83
OP2 IU C 9 -11.75 19.43 -7.86
O5' IU C 9 -10.98 19.62 -5.49
C5' IU C 9 -12.17 20.36 -5.28
C4' IU C 9 -12.42 20.58 -3.81
O4' IU C 9 -11.18 20.96 -3.17
C3' IU C 9 -13.44 21.69 -3.48
O3' IU C 9 -14.47 21.17 -2.64
C2' IU C 9 -12.62 22.74 -2.71
O2' IU C 9 -13.33 23.36 -1.66
C1' IU C 9 -11.43 21.94 -2.20
N1 IU C 9 -10.20 22.74 -2.05
C2 IU C 9 -9.64 23.03 -0.69
O2 IU C 9 -10.17 22.61 0.28
N3 IU C 9 -8.38 23.84 -0.57
C4 IU C 9 -7.71 24.35 -1.76
O4 IU C 9 -6.73 25.00 -1.66
C5 IU C 9 -8.29 24.06 -3.11
C6 IU C 9 -9.54 23.24 -3.23
I5 IU C 9 -7.35 24.78 -4.87
MN MN D . 10.70 1.19 12.23
MN MN E . -10.56 4.53 -2.75
#